data_8F7Y
#
_entry.id   8F7Y
#
_cell.length_a   1.00
_cell.length_b   1.00
_cell.length_c   1.00
_cell.angle_alpha   90.00
_cell.angle_beta   90.00
_cell.angle_gamma   90.00
#
_symmetry.space_group_name_H-M   'P 1'
#
loop_
_entity.id
_entity.type
_entity.pdbx_description
1 polymer 'Genome polyprotein'
2 polymer 'Genome polyprotein'
3 polymer 'Genome polyprotein'
#
loop_
_entity_poly.entity_id
_entity_poly.type
_entity_poly.pdbx_seq_one_letter_code
_entity_poly.pdbx_strand_id
1 'polypeptide(L)'
;GDPVEDIIHDALGSTARRAISSVTNAESAANTTPSSHRLETGRVPALQAAETGATSNATDENMIETRCVVNRNGVLETTI
NHFFSRSGLVGVVNLTDGGTDTTGYATWDIDIMGFVQLRRKCEMFTYMRFNAEFTFVTTTKNGEARPYMLQYMYVPPGAP
KPTGRDAFQWQTATNPSVFVKLTDPPAQVSVPFMSPASAYQWFYDGYPTFGQHPETSNTTYGLCPNNMMGTFAVRVVSRE
ASQLKLQTRVYMKLKHVRAWVPRPIRSQPYLLKNFPNYDSSKITNSARDRSSIKQANM
;
A
2 'polypeptide(L)'
;SPSVEACGYSDRVAQLTVGNSSITTQEAANIVLAYGEWPEYCPDTDATAVDKPTRPDVSVNRFYTLDSKMWQENSTGWYW
KFPDVLNKTGVFGQNAQFHYLYRSGFCLHVQCNASKFHQGALLVAVIPEFVIAGRGSNTKPNEAPHPGFTTTFPGTTGAT
FHDPYVLDSGVPLSQALIYPHQWINLRTNNCATVIVPYINAVPFDSAINHSNFGLIVIPVSPLKYSSGATTAIPITITIA
PLNSEFGGLRQAVSQ
;
B
3 'polypeptide(L)'
;GIPAELRPGTNQFLTTDDDTAAPILPGFTPTPTIHIPGEVHSLLELCRVETILEVNNTTEATGLTRLLIPVSSQNKADEL
CAAFMVDPGRIGPWQSTLVGQICRYYTQWSGSLKVTFMFTGSFMATGKMLVAYSPPGSAQPANRETAMLGTHVIWDFGLQ
SSVSLVIPWISNTHFRTAKTGGNYDYYTAGVVTLWYQTNYVVPPETPGEAYIIAMGAAQDNFTLKICKDTDEVTQQAVLQ
;
C
#
# COMPACT_ATOMS: atom_id res chain seq x y z
N VAL A 69 -26.91 -21.14 -4.38
CA VAL A 69 -28.20 -20.47 -4.43
C VAL A 69 -28.49 -19.99 -5.84
N VAL A 70 -27.63 -20.38 -6.77
CA VAL A 70 -27.62 -19.85 -8.13
C VAL A 70 -27.54 -18.34 -8.06
N ASN A 71 -26.37 -17.83 -7.73
CA ASN A 71 -26.13 -16.40 -7.60
C ASN A 71 -25.73 -15.82 -8.95
N ARG A 72 -26.40 -14.75 -9.36
CA ARG A 72 -26.06 -14.01 -10.57
C ARG A 72 -26.01 -12.53 -10.19
N ASN A 73 -24.87 -12.08 -9.67
CA ASN A 73 -24.74 -10.73 -9.14
C ASN A 73 -23.84 -9.83 -9.97
N GLY A 74 -22.75 -10.34 -10.53
CA GLY A 74 -21.91 -9.54 -11.38
C GLY A 74 -20.68 -8.98 -10.71
N VAL A 75 -19.51 -9.24 -11.29
CA VAL A 75 -18.24 -8.92 -10.65
C VAL A 75 -17.34 -8.14 -11.59
N LEU A 76 -17.86 -7.80 -12.77
CA LEU A 76 -17.05 -7.14 -13.79
C LEU A 76 -16.63 -5.72 -13.36
N GLU A 77 -17.44 -5.05 -12.53
CA GLU A 77 -17.12 -3.71 -12.07
C GLU A 77 -15.90 -3.68 -11.17
N THR A 78 -15.46 -4.82 -10.65
CA THR A 78 -14.40 -4.88 -9.66
C THR A 78 -13.02 -5.05 -10.27
N THR A 79 -12.89 -5.03 -11.59
CA THR A 79 -11.61 -5.22 -12.24
C THR A 79 -10.76 -3.95 -12.16
N ILE A 80 -9.46 -4.13 -12.39
CA ILE A 80 -8.52 -3.01 -12.30
C ILE A 80 -8.80 -1.98 -13.38
N ASN A 81 -9.10 -2.43 -14.59
CA ASN A 81 -9.31 -1.50 -15.70
C ASN A 81 -10.53 -0.63 -15.47
N HIS A 82 -11.63 -1.20 -14.98
CA HIS A 82 -12.80 -0.41 -14.68
C HIS A 82 -12.63 0.43 -13.43
N PHE A 83 -11.75 0.02 -12.52
CA PHE A 83 -11.48 0.84 -11.34
C PHE A 83 -10.64 2.07 -11.68
N PHE A 84 -9.76 1.96 -12.66
CA PHE A 84 -8.82 3.04 -12.97
C PHE A 84 -9.20 3.86 -14.20
N SER A 85 -10.21 3.48 -14.97
CA SER A 85 -10.53 4.20 -16.20
C SER A 85 -11.62 5.22 -15.94
N ARG A 86 -11.19 6.34 -15.36
CA ARG A 86 -12.05 7.50 -15.19
C ARG A 86 -11.17 8.72 -15.01
N SER A 87 -11.47 9.81 -15.72
CA SER A 87 -10.66 11.01 -15.64
C SER A 87 -10.65 11.55 -14.23
N GLY A 88 -9.53 12.14 -13.85
CA GLY A 88 -9.41 12.77 -12.55
C GLY A 88 -8.46 13.95 -12.64
N LEU A 89 -8.66 14.92 -11.76
CA LEU A 89 -7.83 16.12 -11.76
C LEU A 89 -6.39 15.76 -11.44
N VAL A 90 -5.48 16.17 -12.33
CA VAL A 90 -4.06 15.87 -12.20
C VAL A 90 -3.22 17.12 -12.04
N GLY A 91 -3.53 18.17 -12.79
CA GLY A 91 -2.73 19.38 -12.71
C GLY A 91 -3.53 20.63 -12.90
N VAL A 92 -2.99 21.74 -12.41
CA VAL A 92 -3.54 23.07 -12.62
C VAL A 92 -2.40 24.02 -12.96
N VAL A 93 -2.52 24.73 -14.08
CA VAL A 93 -1.49 25.65 -14.55
C VAL A 93 -2.10 27.03 -14.68
N ASN A 94 -1.44 28.02 -14.08
CA ASN A 94 -1.90 29.40 -14.08
C ASN A 94 -1.04 30.25 -15.00
N LEU A 95 -1.67 31.01 -15.88
CA LEU A 95 -0.99 31.87 -16.83
C LEU A 95 -1.48 33.31 -16.64
N THR A 96 -0.57 34.27 -16.74
CA THR A 96 -0.95 35.66 -16.55
C THR A 96 -1.02 36.46 -17.85
N ASP A 97 -0.25 36.08 -18.87
CA ASP A 97 -0.23 36.76 -20.16
C ASP A 97 -0.22 38.28 -20.02
N GLY A 98 0.51 38.79 -19.03
CA GLY A 98 0.48 40.21 -18.70
C GLY A 98 1.33 41.08 -19.60
N THR A 103 5.95 37.70 -18.85
CA THR A 103 6.29 36.33 -19.17
C THR A 103 5.62 35.87 -20.46
N GLY A 104 4.31 35.70 -20.40
CA GLY A 104 3.53 35.33 -21.56
C GLY A 104 3.36 33.85 -21.78
N TYR A 105 3.97 33.01 -20.96
CA TYR A 105 3.82 31.57 -21.07
C TYR A 105 3.86 30.97 -19.67
N ALA A 106 3.31 29.76 -19.56
CA ALA A 106 3.36 29.02 -18.31
C ALA A 106 3.88 27.62 -18.57
N THR A 107 4.52 27.04 -17.55
CA THR A 107 5.05 25.69 -17.64
C THR A 107 4.59 24.88 -16.44
N TRP A 108 4.58 23.57 -16.62
CA TRP A 108 4.17 22.63 -15.57
C TRP A 108 5.04 21.38 -15.68
N ASP A 109 5.61 20.97 -14.56
CA ASP A 109 6.34 19.71 -14.52
C ASP A 109 5.35 18.57 -14.40
N ILE A 110 5.36 17.66 -15.37
CA ILE A 110 4.41 16.56 -15.37
C ILE A 110 4.72 15.66 -14.17
N ASP A 111 3.85 15.70 -13.17
CA ASP A 111 3.94 14.79 -12.02
C ASP A 111 2.56 14.74 -11.39
N ILE A 112 2.00 13.54 -11.25
CA ILE A 112 0.57 13.38 -11.00
C ILE A 112 0.26 13.06 -9.54
N MET A 113 1.24 13.07 -8.65
CA MET A 113 0.98 12.94 -7.22
C MET A 113 0.84 14.28 -6.53
N GLY A 114 0.06 15.19 -7.11
CA GLY A 114 -0.14 16.49 -6.51
C GLY A 114 -1.51 16.63 -5.89
N PHE A 115 -2.40 15.69 -6.24
CA PHE A 115 -3.77 15.68 -5.77
C PHE A 115 -4.08 14.33 -5.18
N VAL A 116 -4.78 14.32 -4.05
CA VAL A 116 -4.78 13.16 -3.18
C VAL A 116 -5.73 12.07 -3.68
N GLN A 117 -6.79 12.43 -4.40
CA GLN A 117 -7.80 11.46 -4.78
C GLN A 117 -7.25 10.42 -5.74
N LEU A 118 -6.49 10.85 -6.74
CA LEU A 118 -5.84 9.92 -7.65
C LEU A 118 -4.62 9.27 -7.03
N ARG A 119 -3.93 9.99 -6.15
CA ARG A 119 -2.72 9.46 -5.52
C ARG A 119 -3.04 8.26 -4.64
N ARG A 120 -4.09 8.35 -3.83
CA ARG A 120 -4.46 7.24 -2.96
C ARG A 120 -4.81 6.00 -3.76
N LYS A 121 -5.52 6.18 -4.89
CA LYS A 121 -5.88 5.06 -5.75
C LYS A 121 -4.66 4.45 -6.41
N CYS A 122 -3.72 5.29 -6.88
CA CYS A 122 -2.56 4.78 -7.61
C CYS A 122 -1.54 4.13 -6.69
N GLU A 123 -1.47 4.54 -5.43
CA GLU A 123 -0.48 4.02 -4.49
C GLU A 123 -0.95 2.76 -3.77
N MET A 124 -2.06 2.16 -4.21
CA MET A 124 -2.43 0.86 -3.69
C MET A 124 -1.61 -0.27 -4.29
N PHE A 125 -0.76 0.04 -5.26
CA PHE A 125 0.08 -0.95 -5.92
C PHE A 125 1.50 -0.43 -6.01
N THR A 126 2.44 -1.37 -6.15
CA THR A 126 3.85 -0.98 -6.26
C THR A 126 4.22 -0.69 -7.70
N TYR A 127 3.83 -1.55 -8.64
CA TYR A 127 4.18 -1.38 -10.04
C TYR A 127 2.93 -1.22 -10.88
N MET A 128 2.97 -0.31 -11.84
CA MET A 128 1.79 -0.02 -12.65
C MET A 128 2.23 0.35 -14.06
N ARG A 129 1.62 -0.28 -15.05
CA ARG A 129 1.94 -0.03 -16.45
C ARG A 129 0.65 0.25 -17.21
N PHE A 130 0.59 1.39 -17.91
CA PHE A 130 -0.65 1.80 -18.55
C PHE A 130 -0.37 2.83 -19.64
N ASN A 131 -1.35 3.00 -20.52
CA ASN A 131 -1.44 4.16 -21.41
C ASN A 131 -2.35 5.19 -20.75
N ALA A 132 -2.34 6.40 -21.29
CA ALA A 132 -3.08 7.49 -20.67
C ALA A 132 -3.79 8.33 -21.72
N GLU A 133 -4.77 9.09 -21.25
CA GLU A 133 -5.46 10.08 -22.08
C GLU A 133 -5.54 11.37 -21.29
N PHE A 134 -5.04 12.45 -21.86
CA PHE A 134 -4.95 13.75 -21.20
C PHE A 134 -5.97 14.70 -21.82
N THR A 135 -6.74 15.36 -20.96
CA THR A 135 -7.74 16.34 -21.37
C THR A 135 -7.40 17.65 -20.70
N PHE A 136 -7.50 18.74 -21.46
CA PHE A 136 -7.15 20.07 -21.00
C PHE A 136 -8.40 20.94 -21.06
N VAL A 137 -8.72 21.57 -19.92
CA VAL A 137 -9.91 22.42 -19.75
C VAL A 137 -9.42 23.77 -19.27
N THR A 138 -9.48 24.78 -20.14
CA THR A 138 -8.94 26.11 -19.86
C THR A 138 -10.05 27.14 -19.70
N THR A 139 -9.95 27.98 -18.68
CA THR A 139 -10.92 29.04 -18.45
C THR A 139 -10.18 30.29 -18.00
N THR A 140 -10.94 31.34 -17.69
CA THR A 140 -10.41 32.59 -17.19
C THR A 140 -10.71 32.73 -15.70
N LYS A 141 -10.36 33.89 -15.14
CA LYS A 141 -10.65 34.15 -13.73
C LYS A 141 -12.15 34.28 -13.48
N ASN A 142 -12.83 35.09 -14.28
CA ASN A 142 -14.27 35.23 -14.15
C ASN A 142 -15.04 34.05 -14.73
N GLY A 143 -14.39 33.24 -15.56
CA GLY A 143 -15.03 32.11 -16.20
C GLY A 143 -15.45 32.32 -17.64
N GLU A 144 -15.25 33.52 -18.19
CA GLU A 144 -15.58 33.79 -19.58
C GLU A 144 -14.77 32.89 -20.52
N ALA A 145 -15.17 32.87 -21.78
CA ALA A 145 -14.59 32.01 -22.81
C ALA A 145 -14.35 32.79 -24.09
N ARG A 146 -13.65 33.91 -23.99
CA ARG A 146 -13.40 34.73 -25.17
C ARG A 146 -12.54 33.96 -26.18
N PRO A 147 -12.75 34.19 -27.48
CA PRO A 147 -12.02 33.41 -28.48
C PRO A 147 -10.57 33.83 -28.67
N TYR A 148 -9.65 33.01 -28.18
CA TYR A 148 -8.22 33.20 -28.35
C TYR A 148 -7.61 31.89 -28.82
N MET A 149 -6.40 31.96 -29.36
CA MET A 149 -5.65 30.77 -29.75
C MET A 149 -4.59 30.48 -28.70
N LEU A 150 -4.51 29.23 -28.27
CA LEU A 150 -3.50 28.77 -27.34
C LEU A 150 -2.70 27.63 -27.95
N GLN A 151 -1.41 27.60 -27.64
CA GLN A 151 -0.52 26.51 -28.03
C GLN A 151 -0.17 25.69 -26.79
N TYR A 152 -0.42 24.39 -26.87
CA TYR A 152 0.01 23.41 -25.89
C TYR A 152 1.19 22.65 -26.47
N MET A 153 2.34 22.71 -25.79
CA MET A 153 3.54 22.00 -26.22
C MET A 153 3.99 21.03 -25.14
N TYR A 154 4.40 19.84 -25.55
CA TYR A 154 5.02 18.87 -24.66
C TYR A 154 6.51 18.86 -24.93
N VAL A 155 7.30 19.15 -23.90
CA VAL A 155 8.74 19.23 -24.03
C VAL A 155 9.36 18.03 -23.32
N PRO A 156 9.83 17.03 -24.05
CA PRO A 156 10.45 15.85 -23.42
C PRO A 156 11.74 16.20 -22.70
N PRO A 157 12.25 15.31 -21.86
CA PRO A 157 13.52 15.60 -21.17
C PRO A 157 14.66 15.86 -22.14
N GLY A 158 15.41 16.93 -21.87
CA GLY A 158 16.52 17.28 -22.71
C GLY A 158 16.26 18.42 -23.66
N ALA A 159 15.04 18.50 -24.19
CA ALA A 159 14.70 19.53 -25.16
C ALA A 159 14.68 20.91 -24.50
N PRO A 160 15.03 21.96 -25.24
CA PRO A 160 15.02 23.31 -24.66
C PRO A 160 13.61 23.73 -24.25
N LYS A 161 13.55 24.46 -23.15
CA LYS A 161 12.30 24.99 -22.60
C LYS A 161 12.05 26.39 -23.15
N PRO A 162 10.81 26.69 -23.55
CA PRO A 162 10.52 28.00 -24.12
C PRO A 162 10.85 29.12 -23.15
N THR A 163 11.36 30.22 -23.69
CA THR A 163 11.87 31.32 -22.89
C THR A 163 11.04 32.59 -22.99
N GLY A 164 10.23 32.73 -24.04
CA GLY A 164 9.34 33.86 -24.19
C GLY A 164 8.13 33.44 -24.98
N ARG A 165 7.17 34.36 -25.09
CA ARG A 165 5.97 34.08 -25.86
C ARG A 165 6.24 34.02 -27.36
N ASP A 166 7.44 34.43 -27.80
CA ASP A 166 7.77 34.44 -29.22
C ASP A 166 9.11 33.76 -29.51
N ALA A 167 9.66 33.02 -28.56
CA ALA A 167 10.97 32.43 -28.73
C ALA A 167 10.96 31.35 -29.83
N PHE A 168 12.14 30.85 -30.15
CA PHE A 168 12.27 29.89 -31.24
C PHE A 168 11.81 28.48 -30.85
N GLN A 169 11.48 28.24 -29.59
CA GLN A 169 10.99 26.91 -29.21
C GLN A 169 9.58 26.69 -29.69
N TRP A 170 8.80 27.76 -29.85
CA TRP A 170 7.38 27.63 -30.17
C TRP A 170 7.12 27.29 -31.62
N GLN A 171 8.13 27.29 -32.49
CA GLN A 171 7.97 26.78 -33.85
C GLN A 171 8.27 25.28 -33.86
N THR A 172 7.47 24.56 -33.09
CA THR A 172 7.67 23.14 -32.85
C THR A 172 7.76 22.36 -34.15
N ALA A 173 8.95 21.80 -34.40
CA ALA A 173 9.21 21.05 -35.62
C ALA A 173 9.42 19.57 -35.38
N THR A 174 9.72 19.17 -34.14
CA THR A 174 9.83 17.76 -33.78
C THR A 174 8.98 17.48 -32.55
N ASN A 175 8.73 18.51 -31.74
CA ASN A 175 7.89 18.39 -30.57
C ASN A 175 6.41 18.36 -30.94
N PRO A 176 5.59 17.63 -30.18
CA PRO A 176 4.15 17.64 -30.43
C PRO A 176 3.49 18.88 -29.84
N SER A 177 2.47 19.37 -30.54
CA SER A 177 1.75 20.54 -30.08
C SER A 177 0.30 20.48 -30.53
N VAL A 178 -0.53 21.22 -29.80
CA VAL A 178 -1.96 21.32 -30.07
C VAL A 178 -2.35 22.79 -30.04
N PHE A 179 -2.88 23.29 -31.14
CA PHE A 179 -3.44 24.64 -31.19
C PHE A 179 -4.94 24.53 -30.95
N VAL A 180 -5.44 25.27 -29.97
CA VAL A 180 -6.83 25.13 -29.53
C VAL A 180 -7.36 26.48 -29.09
N LYS A 181 -8.63 26.72 -29.37
CA LYS A 181 -9.30 27.95 -28.98
C LYS A 181 -9.92 27.82 -27.60
N LEU A 182 -10.04 28.95 -26.91
CA LEU A 182 -10.71 28.96 -25.61
C LEU A 182 -12.19 28.63 -25.74
N THR A 183 -12.78 28.84 -26.91
CA THR A 183 -14.18 28.54 -27.16
C THR A 183 -14.41 27.12 -27.63
N ASP A 184 -13.36 26.34 -27.83
CA ASP A 184 -13.48 24.98 -28.30
C ASP A 184 -13.76 24.03 -27.15
N PRO A 185 -14.29 22.84 -27.46
CA PRO A 185 -14.34 21.78 -26.45
C PRO A 185 -12.97 21.51 -25.88
N PRO A 186 -12.90 20.97 -24.66
CA PRO A 186 -11.60 20.70 -24.05
C PRO A 186 -10.77 19.76 -24.92
N ALA A 187 -9.46 20.03 -24.97
CA ALA A 187 -8.60 19.25 -25.86
C ALA A 187 -8.30 17.88 -25.25
N GLN A 188 -8.12 16.89 -26.11
CA GLN A 188 -7.94 15.51 -25.65
C GLN A 188 -6.94 14.76 -26.52
N VAL A 189 -5.88 14.23 -25.90
CA VAL A 189 -4.85 13.48 -26.61
C VAL A 189 -4.55 12.18 -25.89
N SER A 190 -3.87 11.28 -26.61
CA SER A 190 -3.50 9.96 -26.10
C SER A 190 -2.00 9.90 -25.90
N VAL A 191 -1.58 9.20 -24.85
CA VAL A 191 -0.16 9.11 -24.48
C VAL A 191 0.17 7.65 -24.23
N PRO A 192 1.31 7.15 -24.72
CA PRO A 192 1.66 5.74 -24.48
C PRO A 192 2.42 5.53 -23.17
N PHE A 193 2.85 4.30 -22.92
CA PHE A 193 3.74 4.01 -21.81
C PHE A 193 5.16 4.41 -22.21
N MET A 194 5.74 5.37 -21.50
CA MET A 194 6.97 6.01 -21.92
C MET A 194 8.08 5.84 -20.89
N SER A 195 8.18 4.67 -20.28
CA SER A 195 9.25 4.66 -19.29
C SER A 195 10.42 3.82 -19.77
N PRO A 196 11.65 4.22 -19.48
CA PRO A 196 12.79 3.37 -19.83
C PRO A 196 12.79 2.03 -19.11
N ALA A 197 12.11 1.93 -17.96
CA ALA A 197 11.94 0.67 -17.26
C ALA A 197 10.75 -0.07 -17.86
N SER A 198 10.36 -1.18 -17.25
CA SER A 198 9.20 -1.93 -17.72
C SER A 198 7.89 -1.47 -17.11
N ALA A 199 7.93 -0.71 -16.02
CA ALA A 199 6.70 -0.24 -15.40
C ALA A 199 7.00 1.01 -14.60
N TYR A 200 5.98 1.83 -14.41
CA TYR A 200 6.05 2.94 -13.47
C TYR A 200 5.92 2.39 -12.05
N GLN A 201 6.83 2.82 -11.18
CA GLN A 201 6.77 2.43 -9.77
C GLN A 201 6.79 3.70 -8.93
N TRP A 202 5.85 3.82 -7.98
N TRP A 202 5.85 3.78 -7.98
CA TRP A 202 5.91 5.02 -7.16
CA TRP A 202 5.72 4.91 -7.07
C TRP A 202 6.77 4.85 -5.91
C TRP A 202 6.61 4.81 -5.84
N PHE A 203 7.16 3.64 -5.56
CA PHE A 203 8.02 3.43 -4.40
C PHE A 203 9.36 2.91 -4.90
N TYR A 204 10.41 3.70 -4.70
CA TYR A 204 11.76 3.34 -5.10
C TYR A 204 12.66 3.48 -3.87
N ASP A 205 13.03 2.36 -3.28
CA ASP A 205 13.83 2.34 -2.06
C ASP A 205 15.30 2.41 -2.44
N GLY A 206 15.82 3.63 -2.52
CA GLY A 206 17.22 3.81 -2.83
C GLY A 206 17.49 5.16 -3.44
N TYR A 207 18.76 5.37 -3.79
CA TYR A 207 19.31 6.59 -4.35
C TYR A 207 19.76 6.37 -5.79
N PRO A 208 19.63 7.37 -6.66
CA PRO A 208 20.07 7.24 -8.06
C PRO A 208 21.50 7.71 -8.33
N THR A 209 22.43 7.33 -7.45
CA THR A 209 23.81 7.79 -7.60
C THR A 209 24.70 7.09 -6.58
N PHE A 210 25.92 6.77 -6.99
CA PHE A 210 26.96 6.34 -6.06
C PHE A 210 27.56 7.57 -5.38
N GLY A 211 27.56 7.59 -4.06
CA GLY A 211 28.07 8.76 -3.38
C GLY A 211 28.19 8.63 -1.88
N GLN A 212 27.97 9.71 -1.15
CA GLN A 212 28.10 9.73 0.30
C GLN A 212 26.77 9.80 1.03
N HIS A 213 25.72 10.33 0.39
CA HIS A 213 24.37 10.32 0.92
C HIS A 213 24.32 10.87 2.35
N PRO A 214 24.44 12.18 2.51
CA PRO A 214 24.61 12.74 3.87
C PRO A 214 23.41 12.48 4.76
N GLU A 215 23.67 12.49 6.06
CA GLU A 215 22.72 12.05 7.08
C GLU A 215 21.87 13.18 7.65
N THR A 216 21.97 14.40 7.13
CA THR A 216 21.21 15.52 7.68
C THR A 216 20.15 16.02 6.70
N SER A 217 20.54 16.44 5.50
CA SER A 217 19.60 16.96 4.50
C SER A 217 19.64 15.99 3.34
N ASN A 218 18.84 14.93 3.43
CA ASN A 218 19.10 13.78 2.56
C ASN A 218 18.62 14.02 1.14
N THR A 219 17.29 14.09 0.94
CA THR A 219 16.70 14.15 -0.39
C THR A 219 17.22 13.04 -1.29
N THR A 220 16.78 13.03 -2.54
CA THR A 220 17.26 12.07 -3.55
C THR A 220 17.14 10.61 -3.09
N TYR A 221 16.38 10.36 -2.02
CA TYR A 221 16.15 9.01 -1.52
C TYR A 221 14.92 8.36 -2.16
N GLY A 222 14.11 9.11 -2.88
CA GLY A 222 12.98 8.53 -3.57
C GLY A 222 12.81 9.06 -4.99
N LEU A 223 13.93 9.35 -5.67
CA LEU A 223 13.84 10.01 -6.97
C LEU A 223 13.11 9.15 -7.99
N CYS A 224 13.48 7.87 -8.10
CA CYS A 224 13.02 7.01 -9.18
C CYS A 224 13.19 7.70 -10.52
N PRO A 225 14.40 7.77 -11.06
CA PRO A 225 14.62 8.50 -12.33
C PRO A 225 13.91 7.88 -13.51
N ASN A 226 13.36 6.68 -13.36
CA ASN A 226 12.59 6.04 -14.43
C ASN A 226 11.22 6.65 -14.62
N ASN A 227 10.91 7.78 -13.97
CA ASN A 227 9.57 8.32 -13.94
C ASN A 227 9.52 9.76 -14.43
N MET A 228 10.65 10.29 -14.88
CA MET A 228 10.77 11.68 -15.30
C MET A 228 10.42 11.79 -16.77
N MET A 229 9.36 12.56 -17.05
CA MET A 229 8.73 12.51 -18.37
C MET A 229 8.59 13.87 -19.05
N GLY A 230 9.31 14.90 -18.61
CA GLY A 230 9.31 16.17 -19.29
C GLY A 230 8.28 17.13 -18.75
N THR A 231 8.10 18.22 -19.48
CA THR A 231 7.26 19.34 -19.04
C THR A 231 6.17 19.62 -20.06
N PHE A 232 5.24 20.46 -19.63
CA PHE A 232 4.13 20.92 -20.47
C PHE A 232 4.14 22.44 -20.46
N ALA A 233 4.23 23.05 -21.63
CA ALA A 233 4.19 24.51 -21.74
C ALA A 233 2.93 24.95 -22.47
N VAL A 234 2.40 26.10 -22.07
CA VAL A 234 1.19 26.66 -22.67
C VAL A 234 1.42 28.14 -22.90
N ARG A 235 1.03 28.62 -24.09
CA ARG A 235 1.16 30.03 -24.42
C ARG A 235 -0.05 30.50 -25.23
N VAL A 236 -0.21 31.82 -25.29
CA VAL A 236 -1.24 32.47 -26.09
C VAL A 236 -0.61 32.90 -27.40
N VAL A 237 -1.11 32.35 -28.51
CA VAL A 237 -0.59 32.64 -29.84
C VAL A 237 -1.13 34.02 -30.23
N SER A 238 -0.28 35.05 -30.12
CA SER A 238 -0.72 36.41 -30.37
C SER A 238 0.48 37.28 -30.72
N ARG A 239 0.19 38.39 -31.37
CA ARG A 239 1.22 39.35 -31.75
C ARG A 239 1.88 39.98 -30.53
N GLU A 240 1.10 40.30 -29.49
CA GLU A 240 1.64 40.95 -28.31
C GLU A 240 0.85 40.48 -27.10
N ALA A 241 1.05 41.17 -25.97
CA ALA A 241 0.40 40.79 -24.73
C ALA A 241 -1.12 40.89 -24.85
N SER A 242 -1.81 39.85 -24.38
CA SER A 242 -3.25 39.77 -24.46
C SER A 242 -3.95 40.13 -23.16
N GLN A 243 -3.21 40.28 -22.07
CA GLN A 243 -3.76 40.68 -20.77
C GLN A 243 -4.86 39.72 -20.31
N LEU A 244 -4.59 38.42 -20.41
CA LEU A 244 -5.55 37.38 -20.07
C LEU A 244 -4.99 36.52 -18.94
N LYS A 245 -5.75 36.40 -17.86
CA LYS A 245 -5.40 35.51 -16.76
C LYS A 245 -6.13 34.19 -16.98
N LEU A 246 -5.37 33.15 -17.34
CA LEU A 246 -5.92 31.86 -17.70
C LEU A 246 -5.57 30.81 -16.66
N GLN A 247 -6.41 29.78 -16.59
CA GLN A 247 -6.20 28.64 -15.70
C GLN A 247 -6.60 27.39 -16.46
N THR A 248 -5.65 26.49 -16.66
CA THR A 248 -5.91 25.25 -17.40
C THR A 248 -5.76 24.06 -16.47
N ARG A 249 -6.78 23.22 -16.44
CA ARG A 249 -6.83 22.02 -15.62
C ARG A 249 -6.59 20.80 -16.48
N VAL A 250 -5.70 19.93 -16.02
CA VAL A 250 -5.26 18.75 -16.75
C VAL A 250 -5.85 17.53 -16.05
N TYR A 251 -6.66 16.78 -16.78
CA TYR A 251 -7.33 15.56 -16.31
C TYR A 251 -6.77 14.35 -17.03
N MET A 252 -6.40 13.33 -16.26
CA MET A 252 -5.78 12.14 -16.82
C MET A 252 -6.67 10.92 -16.60
N LYS A 253 -6.75 10.08 -17.62
CA LYS A 253 -7.45 8.80 -17.53
C LYS A 253 -6.49 7.67 -17.89
N LEU A 254 -6.52 6.61 -17.09
CA LEU A 254 -5.67 5.45 -17.30
C LEU A 254 -6.39 4.44 -18.19
N LYS A 255 -5.69 3.89 -19.18
CA LYS A 255 -6.23 2.88 -20.07
C LYS A 255 -5.23 1.75 -20.22
N HIS A 256 -5.76 0.55 -20.45
CA HIS A 256 -4.95 -0.66 -20.68
C HIS A 256 -3.94 -0.86 -19.55
N VAL A 257 -4.46 -1.09 -18.35
CA VAL A 257 -3.69 -1.00 -17.12
C VAL A 257 -3.30 -2.40 -16.64
N ARG A 258 -2.10 -2.49 -16.08
CA ARG A 258 -1.65 -3.67 -15.33
C ARG A 258 -0.99 -3.20 -14.05
N ALA A 259 -1.07 -4.03 -13.00
CA ALA A 259 -0.61 -3.66 -11.67
C ALA A 259 0.03 -4.85 -10.97
N TRP A 260 0.95 -4.54 -10.06
CA TRP A 260 1.72 -5.55 -9.34
C TRP A 260 1.99 -5.10 -7.91
N VAL A 261 1.97 -6.08 -7.00
CA VAL A 261 2.32 -5.93 -5.58
C VAL A 261 1.41 -4.95 -4.85
N PRO A 262 0.18 -5.34 -4.52
CA PRO A 262 -0.69 -4.46 -3.72
C PRO A 262 -0.10 -4.15 -2.36
N ARG A 263 -0.42 -2.95 -1.86
CA ARG A 263 0.10 -2.44 -0.60
C ARG A 263 -1.04 -1.89 0.24
N PRO A 264 -0.80 -1.66 1.53
CA PRO A 264 -1.81 -1.00 2.36
C PRO A 264 -2.18 0.38 1.83
N ILE A 265 -3.45 0.73 1.97
CA ILE A 265 -3.95 2.03 1.51
C ILE A 265 -3.72 3.06 2.60
N ARG A 266 -3.19 4.22 2.21
CA ARG A 266 -2.68 5.17 3.19
C ARG A 266 -3.76 5.65 4.15
N SER A 267 -3.41 5.70 5.43
CA SER A 267 -4.29 6.20 6.47
C SER A 267 -3.93 7.59 6.97
N GLN A 268 -2.67 7.99 6.84
CA GLN A 268 -2.21 9.27 7.33
C GLN A 268 -2.40 10.35 6.27
N PRO A 269 -2.61 11.60 6.70
CA PRO A 269 -2.73 12.70 5.72
C PRO A 269 -1.43 12.93 4.97
N TYR A 270 -1.58 13.33 3.71
CA TYR A 270 -0.43 13.63 2.87
C TYR A 270 0.16 15.00 3.23
N LEU A 271 1.47 15.12 3.07
CA LEU A 271 2.17 16.37 3.36
C LEU A 271 3.00 16.87 2.19
N LEU A 272 3.66 15.98 1.46
CA LEU A 272 4.51 16.38 0.35
C LEU A 272 4.11 15.62 -0.91
N LYS A 273 4.45 16.20 -2.05
CA LYS A 273 4.08 15.61 -3.33
C LYS A 273 4.95 14.42 -3.69
N ASN A 274 6.24 14.48 -3.34
CA ASN A 274 7.20 13.49 -3.76
C ASN A 274 7.75 12.65 -2.61
N PHE A 275 7.28 12.87 -1.39
CA PHE A 275 7.78 12.12 -0.25
C PHE A 275 6.61 11.58 0.56
N PRO A 276 6.81 10.45 1.26
CA PRO A 276 5.72 9.84 2.01
C PRO A 276 5.59 10.35 3.44
N ASN A 277 6.16 11.51 3.75
CA ASN A 277 6.22 12.02 5.11
C ASN A 277 4.82 12.15 5.73
N TYR A 278 4.78 12.01 7.05
CA TYR A 278 3.55 12.16 7.81
C TYR A 278 3.87 12.84 9.13
N ASP A 279 2.87 13.49 9.71
CA ASP A 279 3.03 14.18 10.99
C ASP A 279 3.06 13.14 12.11
N SER A 280 4.23 12.94 12.70
CA SER A 280 4.36 12.01 13.81
C SER A 280 3.80 12.58 15.10
N SER A 281 3.86 13.90 15.28
CA SER A 281 3.29 14.54 16.45
C SER A 281 1.77 14.48 16.46
N LYS A 282 1.14 14.26 15.29
CA LYS A 282 -0.31 14.15 15.15
C LYS A 282 -0.62 12.95 14.29
N ILE A 283 -0.76 11.77 14.89
CA ILE A 283 -1.12 10.56 14.18
C ILE A 283 -2.61 10.33 14.35
N THR A 284 -3.30 10.09 13.23
CA THR A 284 -4.72 9.82 13.25
C THR A 284 -4.96 8.31 13.38
N ASN A 285 -5.93 7.95 14.20
CA ASN A 285 -6.29 6.55 14.36
C ASN A 285 -7.01 6.04 13.13
N SER A 286 -6.78 4.78 12.79
CA SER A 286 -7.42 4.21 11.61
C SER A 286 -8.88 3.88 11.83
N ALA A 287 -9.35 3.88 13.08
CA ALA A 287 -10.75 3.65 13.40
C ALA A 287 -11.19 4.70 14.40
N ARG A 288 -12.43 5.16 14.25
CA ARG A 288 -12.95 6.17 15.16
C ARG A 288 -13.19 5.57 16.54
N ASP A 289 -12.94 6.37 17.56
CA ASP A 289 -13.03 5.90 18.92
C ASP A 289 -14.49 5.75 19.36
N ARG A 290 -14.76 4.70 20.13
CA ARG A 290 -16.05 4.49 20.78
C ARG A 290 -15.84 4.43 22.28
N SER A 291 -16.96 4.48 23.02
CA SER A 291 -16.90 4.62 24.46
C SER A 291 -16.31 3.37 25.12
N SER A 292 -16.82 2.20 24.75
CA SER A 292 -16.39 0.95 25.38
C SER A 292 -16.33 -0.14 24.33
N ILE A 293 -15.54 -1.17 24.64
CA ILE A 293 -15.43 -2.33 23.76
C ILE A 293 -16.66 -3.23 23.81
N LYS A 294 -17.57 -2.97 24.74
CA LYS A 294 -18.78 -3.76 24.90
C LYS A 294 -20.01 -3.12 24.26
N GLN A 295 -19.85 -1.98 23.59
CA GLN A 295 -20.93 -1.33 22.85
C GLN A 295 -20.72 -1.54 21.36
N ALA A 296 -21.65 -1.04 20.56
CA ALA A 296 -21.53 -1.08 19.11
C ALA A 296 -21.97 0.26 18.50
N ASN A 297 -21.44 1.36 19.03
CA ASN A 297 -21.73 2.70 18.51
C ASN A 297 -20.80 3.07 17.35
N MET A 298 -19.50 3.05 17.58
CA MET A 298 -18.53 3.29 16.53
C MET A 298 -17.87 1.98 16.10
N ALA B 29 5.74 -24.73 11.71
CA ALA B 29 4.52 -24.41 10.96
C ALA B 29 4.65 -24.84 9.50
N ASN B 30 4.57 -23.86 8.60
CA ASN B 30 4.68 -24.10 7.18
C ASN B 30 5.78 -23.23 6.58
N ILE B 31 5.89 -23.19 5.26
CA ILE B 31 6.82 -22.30 4.57
C ILE B 31 6.02 -21.47 3.58
N VAL B 32 6.26 -20.16 3.58
CA VAL B 32 5.55 -19.24 2.70
C VAL B 32 6.38 -19.02 1.44
N LEU B 33 5.79 -19.29 0.29
CA LEU B 33 6.35 -18.94 -1.01
C LEU B 33 5.74 -17.62 -1.44
N ALA B 34 6.54 -16.56 -1.42
CA ALA B 34 6.00 -15.22 -1.72
C ALA B 34 5.42 -15.17 -3.12
N TYR B 35 4.13 -14.88 -3.19
CA TYR B 35 3.38 -14.79 -4.45
C TYR B 35 3.37 -16.10 -5.21
N GLY B 36 3.66 -17.20 -4.53
CA GLY B 36 3.62 -18.52 -5.15
C GLY B 36 4.60 -18.70 -6.29
N GLU B 37 5.80 -18.16 -6.17
CA GLU B 37 6.78 -18.19 -7.24
C GLU B 37 8.16 -18.46 -6.69
N TRP B 38 8.87 -19.39 -7.29
CA TRP B 38 10.24 -19.68 -6.92
C TRP B 38 11.20 -18.69 -7.58
N PRO B 39 12.33 -18.40 -6.96
CA PRO B 39 13.35 -17.58 -7.62
C PRO B 39 14.00 -18.33 -8.78
N GLU B 40 14.54 -17.58 -9.72
CA GLU B 40 15.12 -18.15 -10.93
C GLU B 40 16.12 -17.19 -11.53
N TYR B 41 16.92 -17.71 -12.45
CA TYR B 41 17.83 -16.89 -13.22
C TYR B 41 17.07 -16.07 -14.25
N CYS B 42 17.61 -14.90 -14.57
CA CYS B 42 16.99 -14.06 -15.59
C CYS B 42 17.04 -14.77 -16.93
N PRO B 43 15.92 -15.00 -17.59
CA PRO B 43 15.94 -15.81 -18.80
C PRO B 43 16.30 -15.00 -20.04
N ASP B 44 16.39 -15.69 -21.17
CA ASP B 44 16.27 -15.04 -22.46
C ASP B 44 14.96 -14.28 -22.54
N THR B 45 14.86 -13.39 -23.53
CA THR B 45 13.67 -12.59 -23.81
C THR B 45 13.36 -11.59 -22.71
N ASP B 46 14.10 -11.61 -21.60
CA ASP B 46 13.86 -10.69 -20.51
C ASP B 46 15.09 -9.90 -20.12
N ALA B 47 16.23 -10.18 -20.73
CA ALA B 47 17.50 -9.53 -20.42
C ALA B 47 17.78 -8.37 -21.39
N THR B 48 18.55 -7.40 -20.91
CA THR B 48 18.92 -6.25 -21.73
C THR B 48 20.42 -6.09 -21.88
N ALA B 49 21.19 -6.15 -20.79
CA ALA B 49 22.63 -5.99 -20.87
C ALA B 49 23.28 -7.23 -21.48
N VAL B 50 24.20 -7.00 -22.41
CA VAL B 50 24.75 -8.08 -23.21
C VAL B 50 26.18 -8.39 -22.80
N ASP B 51 26.33 -9.31 -21.85
CA ASP B 51 27.62 -9.87 -21.45
C ASP B 51 27.32 -11.04 -20.54
N LYS B 52 28.28 -11.94 -20.42
CA LYS B 52 28.06 -13.16 -19.67
C LYS B 52 28.09 -12.86 -18.18
N PRO B 53 27.03 -13.19 -17.44
CA PRO B 53 27.04 -12.99 -16.00
C PRO B 53 27.77 -14.12 -15.26
N THR B 54 28.12 -13.84 -14.02
CA THR B 54 28.79 -14.82 -13.17
C THR B 54 27.78 -15.44 -12.20
N ARG B 55 27.98 -16.74 -11.94
CA ARG B 55 27.14 -17.48 -11.00
C ARG B 55 28.05 -18.31 -10.10
N PRO B 56 28.39 -17.80 -8.91
CA PRO B 56 29.23 -18.59 -7.98
C PRO B 56 28.50 -19.81 -7.46
N ASP B 57 27.30 -19.57 -6.95
CA ASP B 57 26.21 -20.52 -6.74
C ASP B 57 26.40 -21.51 -5.60
N VAL B 58 27.58 -21.59 -5.02
CA VAL B 58 27.80 -22.38 -3.82
C VAL B 58 28.35 -21.54 -2.68
N SER B 59 29.21 -20.56 -2.99
CA SER B 59 29.80 -19.66 -2.02
C SER B 59 28.97 -18.41 -1.80
N VAL B 60 27.86 -18.25 -2.52
CA VAL B 60 26.97 -17.12 -2.32
C VAL B 60 25.59 -17.62 -1.94
N ASN B 61 25.24 -18.82 -2.40
CA ASN B 61 23.95 -19.44 -2.09
C ASN B 61 24.13 -20.30 -0.85
N ARG B 62 24.17 -19.64 0.31
CA ARG B 62 24.34 -20.32 1.57
C ARG B 62 23.66 -19.49 2.65
N PHE B 63 23.65 -20.01 3.87
CA PHE B 63 22.96 -19.37 4.99
C PHE B 63 23.94 -18.49 5.77
N TYR B 64 23.54 -17.26 6.02
CA TYR B 64 24.29 -16.30 6.83
C TYR B 64 23.46 -15.95 8.04
N THR B 65 24.11 -15.93 9.20
CA THR B 65 23.47 -15.62 10.47
C THR B 65 23.93 -14.24 10.95
N LEU B 66 22.98 -13.41 11.32
CA LEU B 66 23.26 -12.10 11.87
C LEU B 66 23.30 -12.17 13.39
N ASP B 67 23.79 -11.10 14.00
CA ASP B 67 23.71 -10.99 15.46
C ASP B 67 22.28 -10.70 15.88
N SER B 68 21.90 -11.26 17.02
CA SER B 68 20.51 -11.29 17.43
C SER B 68 20.10 -10.00 18.15
N LYS B 69 18.80 -9.90 18.44
CA LYS B 69 18.20 -8.74 19.08
C LYS B 69 17.52 -9.17 20.37
N MET B 70 17.63 -8.35 21.40
CA MET B 70 17.03 -8.64 22.70
C MET B 70 15.57 -8.19 22.70
N TRP B 71 14.64 -9.15 22.64
CA TRP B 71 13.22 -8.83 22.77
C TRP B 71 12.92 -8.49 24.21
N GLN B 72 12.41 -7.29 24.44
CA GLN B 72 12.10 -6.80 25.78
C GLN B 72 10.63 -6.46 25.88
N GLU B 73 10.22 -5.96 27.05
CA GLU B 73 8.80 -5.74 27.33
C GLU B 73 8.20 -4.59 26.56
N ASN B 74 9.02 -3.73 25.95
CA ASN B 74 8.51 -2.56 25.22
C ASN B 74 9.25 -2.36 23.90
N SER B 75 9.75 -3.44 23.32
CA SER B 75 10.37 -3.36 22.00
C SER B 75 9.33 -3.06 20.94
N THR B 76 9.69 -2.22 19.98
CA THR B 76 8.76 -1.77 18.96
C THR B 76 8.88 -2.52 17.64
N GLY B 77 10.03 -3.13 17.37
CA GLY B 77 10.26 -3.85 16.14
C GLY B 77 11.55 -3.42 15.46
N TRP B 78 11.94 -4.23 14.49
CA TRP B 78 13.18 -4.01 13.75
C TRP B 78 12.96 -4.30 12.28
N TYR B 79 13.83 -3.73 11.44
CA TYR B 79 13.77 -4.00 10.01
C TYR B 79 15.18 -4.06 9.41
N TRP B 80 15.28 -4.77 8.29
CA TRP B 80 16.52 -4.94 7.55
C TRP B 80 16.25 -4.72 6.07
N LYS B 81 17.02 -3.85 5.42
CA LYS B 81 16.92 -3.64 3.98
C LYS B 81 17.87 -4.61 3.29
N PHE B 82 17.33 -5.47 2.44
CA PHE B 82 18.03 -6.73 2.24
C PHE B 82 19.16 -6.76 1.23
N PRO B 83 19.09 -6.13 0.09
CA PRO B 83 20.31 -6.12 -0.73
C PRO B 83 21.30 -5.09 -0.22
N ASP B 84 21.42 -4.96 1.11
CA ASP B 84 22.59 -4.33 1.72
C ASP B 84 22.99 -5.00 3.04
N VAL B 85 22.15 -5.84 3.63
CA VAL B 85 22.52 -6.51 4.87
C VAL B 85 23.71 -7.45 4.63
N LEU B 86 23.70 -8.15 3.49
CA LEU B 86 24.77 -9.06 3.13
C LEU B 86 25.81 -8.40 2.24
N ASN B 87 25.71 -7.09 2.03
CA ASN B 87 26.57 -6.40 1.08
C ASN B 87 28.02 -6.32 1.53
N LYS B 88 28.33 -6.66 2.78
CA LYS B 88 29.69 -6.54 3.29
C LYS B 88 30.18 -7.83 3.95
N THR B 89 29.51 -8.96 3.72
CA THR B 89 29.86 -10.21 4.38
C THR B 89 30.09 -11.29 3.32
N GLY B 90 31.30 -11.84 3.29
CA GLY B 90 31.57 -13.02 2.52
C GLY B 90 31.77 -12.81 1.04
N VAL B 91 31.77 -13.95 0.34
CA VAL B 91 31.93 -13.96 -1.10
C VAL B 91 30.77 -13.26 -1.79
N PHE B 92 29.57 -13.37 -1.21
CA PHE B 92 28.43 -12.61 -1.74
C PHE B 92 28.72 -11.12 -1.71
N GLY B 93 29.22 -10.61 -0.59
CA GLY B 93 29.54 -9.20 -0.49
C GLY B 93 30.62 -8.79 -1.47
N GLN B 94 31.65 -9.62 -1.62
CA GLN B 94 32.71 -9.29 -2.56
C GLN B 94 32.19 -9.23 -3.99
N ASN B 95 31.36 -10.20 -4.39
CA ASN B 95 30.75 -10.16 -5.71
C ASN B 95 29.86 -8.93 -5.87
N ALA B 96 29.08 -8.60 -4.85
CA ALA B 96 28.15 -7.49 -4.96
C ALA B 96 28.88 -6.17 -5.15
N GLN B 97 29.95 -5.94 -4.41
CA GLN B 97 30.63 -4.67 -4.56
C GLN B 97 31.72 -4.69 -5.63
N PHE B 98 31.99 -5.83 -6.27
CA PHE B 98 32.82 -5.84 -7.46
C PHE B 98 32.00 -5.65 -8.74
N HIS B 99 30.81 -6.23 -8.80
CA HIS B 99 29.95 -6.14 -9.98
C HIS B 99 28.97 -4.99 -9.84
N TYR B 100 28.52 -4.49 -10.99
CA TYR B 100 27.62 -3.34 -11.02
C TYR B 100 26.15 -3.74 -11.08
N LEU B 101 25.83 -4.90 -11.66
CA LEU B 101 24.46 -5.39 -11.74
C LEU B 101 24.30 -6.69 -10.94
N TYR B 102 23.17 -6.80 -10.26
CA TYR B 102 22.86 -7.93 -9.38
C TYR B 102 21.41 -8.37 -9.58
N ARG B 103 21.16 -9.64 -9.28
CA ARG B 103 19.79 -10.17 -9.28
C ARG B 103 19.79 -11.52 -8.57
N SER B 104 18.88 -11.70 -7.61
CA SER B 104 18.71 -13.00 -6.95
C SER B 104 17.44 -13.00 -6.11
N GLY B 105 17.03 -14.20 -5.71
CA GLY B 105 15.99 -14.39 -4.72
C GLY B 105 16.59 -14.73 -3.36
N PHE B 106 15.70 -14.87 -2.37
CA PHE B 106 16.13 -15.05 -0.99
C PHE B 106 15.28 -16.09 -0.28
N CYS B 107 15.83 -16.63 0.80
CA CYS B 107 15.12 -17.41 1.79
C CYS B 107 15.40 -16.85 3.17
N LEU B 108 14.34 -16.52 3.90
CA LEU B 108 14.39 -15.79 5.16
C LEU B 108 13.94 -16.70 6.28
N HIS B 109 14.68 -16.73 7.38
CA HIS B 109 14.36 -17.60 8.52
C HIS B 109 14.59 -16.83 9.81
N VAL B 110 13.52 -16.57 10.55
CA VAL B 110 13.58 -15.85 11.81
C VAL B 110 13.33 -16.85 12.93
N GLN B 111 14.16 -16.80 13.96
CA GLN B 111 14.10 -17.74 15.08
C GLN B 111 13.93 -16.99 16.38
N CYS B 112 13.04 -17.50 17.23
CA CYS B 112 12.84 -16.98 18.58
C CYS B 112 12.08 -18.03 19.36
N ASN B 113 12.65 -18.50 20.46
CA ASN B 113 12.01 -19.52 21.29
C ASN B 113 11.94 -19.06 22.73
N ALA B 114 10.92 -19.54 23.43
CA ALA B 114 10.75 -19.29 24.85
C ALA B 114 10.17 -20.55 25.48
N SER B 115 9.95 -20.51 26.79
CA SER B 115 9.40 -21.65 27.49
C SER B 115 7.90 -21.76 27.21
N LYS B 116 7.29 -22.82 27.76
CA LYS B 116 5.86 -23.04 27.61
C LYS B 116 5.02 -22.13 28.49
N PHE B 117 5.65 -21.38 29.40
CA PHE B 117 4.96 -20.42 30.26
C PHE B 117 5.12 -18.99 29.77
N HIS B 118 5.81 -18.76 28.67
CA HIS B 118 5.89 -17.44 28.06
C HIS B 118 4.75 -17.26 27.06
N GLN B 119 4.44 -16.00 26.75
CA GLN B 119 3.38 -15.66 25.82
C GLN B 119 3.76 -14.41 25.03
N GLY B 120 3.32 -14.38 23.78
CA GLY B 120 3.58 -13.25 22.90
C GLY B 120 3.32 -13.64 21.47
N ALA B 121 3.53 -12.67 20.58
CA ALA B 121 3.37 -12.94 19.16
C ALA B 121 4.13 -11.88 18.37
N LEU B 122 4.79 -12.32 17.30
CA LEU B 122 5.55 -11.45 16.41
C LEU B 122 5.04 -11.59 14.98
N LEU B 123 4.89 -10.48 14.28
CA LEU B 123 4.60 -10.49 12.86
C LEU B 123 5.89 -10.27 12.09
N VAL B 124 6.21 -11.20 11.18
CA VAL B 124 7.38 -11.13 10.33
C VAL B 124 6.87 -10.97 8.90
N ALA B 125 7.25 -9.88 8.24
CA ALA B 125 6.71 -9.60 6.92
C ALA B 125 7.78 -9.04 6.00
N VAL B 126 7.59 -9.27 4.70
CA VAL B 126 8.51 -8.82 3.66
C VAL B 126 7.80 -7.75 2.85
N ILE B 127 8.35 -6.54 2.84
CA ILE B 127 7.76 -5.40 2.16
C ILE B 127 8.63 -5.07 0.95
N PRO B 128 8.17 -5.32 -0.27
CA PRO B 128 8.92 -4.85 -1.44
C PRO B 128 8.88 -3.33 -1.53
N GLU B 129 10.05 -2.74 -1.79
CA GLU B 129 10.20 -1.31 -1.99
C GLU B 129 9.78 -0.53 -0.74
N PHE B 130 10.31 -0.94 0.40
CA PHE B 130 9.94 -0.41 1.71
C PHE B 130 10.61 0.95 1.88
N VAL B 131 9.90 2.00 1.49
CA VAL B 131 10.43 3.37 1.56
C VAL B 131 10.10 3.97 2.92
N ILE B 132 11.13 4.39 3.66
CA ILE B 132 10.96 4.95 4.99
C ILE B 132 10.59 6.43 4.86
N ALA B 133 9.58 6.85 5.61
CA ALA B 133 9.07 8.20 5.55
C ALA B 133 9.67 9.06 6.66
N GLY B 134 9.88 10.33 6.34
CA GLY B 134 10.32 11.28 7.34
C GLY B 134 9.20 11.65 8.30
N ARG B 135 9.57 11.95 9.53
CA ARG B 135 8.62 12.19 10.61
C ARG B 135 8.68 13.66 10.97
N GLY B 136 7.73 14.43 10.47
CA GLY B 136 7.67 15.84 10.80
C GLY B 136 6.49 16.48 10.10
N SER B 137 6.23 17.72 10.49
CA SER B 137 5.07 18.47 10.02
C SER B 137 5.47 19.70 9.23
N ASN B 138 6.40 19.51 8.29
CA ASN B 138 6.83 20.58 7.39
C ASN B 138 6.21 20.35 6.02
N THR B 139 5.47 21.34 5.54
CA THR B 139 4.72 21.21 4.29
C THR B 139 5.48 21.74 3.08
N LYS B 140 6.63 22.36 3.29
CA LYS B 140 7.46 22.85 2.18
C LYS B 140 8.59 21.87 1.95
N PRO B 141 8.69 21.24 0.78
CA PRO B 141 9.68 20.17 0.59
C PRO B 141 11.12 20.63 0.74
N ASN B 142 11.38 21.93 0.61
CA ASN B 142 12.75 22.41 0.66
C ASN B 142 13.39 22.18 2.03
N GLU B 143 12.64 22.42 3.10
CA GLU B 143 13.16 22.26 4.46
C GLU B 143 12.48 21.12 5.22
N ALA B 144 11.87 20.17 4.51
CA ALA B 144 11.19 19.07 5.17
C ALA B 144 12.20 18.07 5.71
N PRO B 145 11.89 17.41 6.82
CA PRO B 145 12.80 16.41 7.37
C PRO B 145 12.87 15.17 6.49
N HIS B 146 14.02 14.50 6.53
CA HIS B 146 14.27 13.29 5.77
C HIS B 146 15.11 12.34 6.62
N PRO B 147 14.91 11.04 6.46
CA PRO B 147 15.78 10.09 7.15
C PRO B 147 17.21 10.17 6.65
N GLY B 148 18.14 9.97 7.57
CA GLY B 148 19.53 9.87 7.20
C GLY B 148 19.83 8.56 6.51
N PHE B 149 21.05 8.47 5.96
CA PHE B 149 21.40 7.31 5.13
C PHE B 149 21.36 6.01 5.94
N THR B 150 21.89 6.03 7.17
CA THR B 150 21.92 4.80 7.96
C THR B 150 20.52 4.32 8.31
N THR B 151 19.62 5.24 8.62
CA THR B 151 18.25 4.86 8.93
C THR B 151 17.57 4.22 7.73
N THR B 152 17.90 4.68 6.53
CA THR B 152 17.34 4.08 5.32
C THR B 152 18.00 2.74 5.00
N PHE B 153 19.31 2.65 5.16
CA PHE B 153 20.09 1.46 4.79
C PHE B 153 20.89 1.00 6.00
N PRO B 154 20.24 0.35 6.97
CA PRO B 154 20.91 0.07 8.25
C PRO B 154 22.12 -0.82 8.15
N GLY B 155 22.14 -1.77 7.23
CA GLY B 155 23.23 -2.71 7.11
C GLY B 155 22.93 -4.02 7.83
N THR B 156 23.86 -4.47 8.65
CA THR B 156 23.75 -5.79 9.27
C THR B 156 23.05 -5.75 10.61
N THR B 157 23.00 -4.60 11.27
CA THR B 157 22.39 -4.49 12.60
C THR B 157 20.93 -4.08 12.56
N GLY B 158 20.45 -3.52 11.45
CA GLY B 158 19.07 -3.11 11.34
C GLY B 158 18.78 -1.83 12.09
N ALA B 159 17.49 -1.47 12.11
CA ALA B 159 17.02 -0.30 12.81
C ALA B 159 15.76 -0.66 13.57
N THR B 160 15.44 0.15 14.58
CA THR B 160 14.24 -0.05 15.37
C THR B 160 13.14 0.90 14.92
N PHE B 161 11.90 0.47 15.11
CA PHE B 161 10.75 1.24 14.67
C PHE B 161 10.46 2.40 15.62
N HIS B 162 10.25 3.57 15.04
CA HIS B 162 9.80 4.73 15.81
C HIS B 162 8.30 4.67 16.05
N ASP B 163 7.53 4.42 14.99
CA ASP B 163 6.08 4.27 15.06
C ASP B 163 5.71 2.99 14.33
N PRO B 164 5.72 1.85 15.04
CA PRO B 164 5.28 0.60 14.39
C PRO B 164 3.84 0.65 13.91
N TYR B 165 2.99 1.44 14.55
CA TYR B 165 1.57 1.47 14.22
C TYR B 165 1.33 1.92 12.79
N VAL B 166 2.06 2.94 12.33
CA VAL B 166 1.94 3.41 10.96
C VAL B 166 3.07 2.87 10.09
N LEU B 167 3.72 1.79 10.51
CA LEU B 167 4.78 1.11 9.76
C LEU B 167 5.94 2.04 9.42
N ASP B 168 6.12 3.12 10.17
CA ASP B 168 7.13 4.15 9.90
C ASP B 168 7.00 4.75 8.51
N SER B 169 5.81 4.66 7.88
CA SER B 169 5.65 5.14 6.52
C SER B 169 4.31 5.82 6.25
N GLY B 170 3.43 5.97 7.23
CA GLY B 170 2.13 6.54 7.00
C GLY B 170 1.05 5.57 6.57
N VAL B 171 1.34 4.28 6.50
CA VAL B 171 0.34 3.28 6.13
C VAL B 171 0.11 2.35 7.32
N PRO B 172 -1.09 1.83 7.52
CA PRO B 172 -1.37 1.07 8.76
C PRO B 172 -0.65 -0.26 8.81
N LEU B 173 -0.36 -0.71 10.04
CA LEU B 173 0.23 -2.02 10.23
C LEU B 173 -0.78 -3.14 9.97
N SER B 174 -2.05 -2.91 10.29
CA SER B 174 -3.04 -3.99 10.23
C SER B 174 -3.11 -4.61 8.85
N GLN B 175 -2.86 -3.83 7.80
CA GLN B 175 -2.96 -4.31 6.43
C GLN B 175 -1.65 -4.90 5.91
N ALA B 176 -0.61 -4.93 6.72
CA ALA B 176 0.65 -5.55 6.28
C ALA B 176 0.51 -7.05 6.05
N LEU B 177 -0.65 -7.62 6.37
CA LEU B 177 -0.93 -9.00 5.97
C LEU B 177 -1.16 -9.14 4.48
N ILE B 178 -1.26 -8.03 3.74
CA ILE B 178 -1.28 -8.11 2.27
C ILE B 178 0.08 -8.57 1.75
N TYR B 179 1.16 -8.28 2.47
CA TYR B 179 2.49 -8.73 2.12
C TYR B 179 2.69 -10.18 2.56
N PRO B 180 3.63 -10.90 1.95
CA PRO B 180 3.95 -12.24 2.43
C PRO B 180 4.53 -12.19 3.84
N HIS B 181 3.99 -13.02 4.72
CA HIS B 181 4.20 -12.82 6.14
C HIS B 181 4.00 -14.13 6.89
N GLN B 182 4.47 -14.14 8.14
CA GLN B 182 4.25 -15.24 9.05
C GLN B 182 4.13 -14.68 10.46
N TRP B 183 3.58 -15.48 11.35
CA TRP B 183 3.47 -15.16 12.76
C TRP B 183 4.34 -16.11 13.56
N ILE B 184 5.06 -15.58 14.55
CA ILE B 184 5.68 -16.40 15.57
C ILE B 184 4.84 -16.23 16.82
N ASN B 185 3.97 -17.19 17.08
CA ASN B 185 3.17 -17.25 18.28
C ASN B 185 3.86 -18.21 19.23
N LEU B 186 4.27 -17.70 20.39
CA LEU B 186 5.15 -18.46 21.27
C LEU B 186 4.52 -19.76 21.75
N ARG B 187 3.19 -19.86 21.74
CA ARG B 187 2.51 -21.10 22.10
C ARG B 187 2.34 -22.05 20.93
N THR B 188 2.68 -21.63 19.72
CA THR B 188 2.49 -22.45 18.52
C THR B 188 3.81 -22.89 17.91
N ASN B 189 4.70 -21.94 17.59
CA ASN B 189 5.91 -22.26 16.85
C ASN B 189 7.02 -21.32 17.32
N ASN B 190 8.22 -21.55 16.80
CA ASN B 190 9.35 -20.69 17.11
C ASN B 190 10.18 -20.31 15.89
N CYS B 191 9.69 -20.57 14.68
CA CYS B 191 10.43 -20.20 13.47
C CYS B 191 9.46 -19.64 12.43
N ALA B 192 10.00 -18.77 11.57
CA ALA B 192 9.24 -18.19 10.47
C ALA B 192 10.10 -18.18 9.22
N THR B 193 9.63 -18.80 8.15
CA THR B 193 10.41 -18.93 6.92
C THR B 193 9.62 -18.43 5.71
N VAL B 194 10.23 -17.54 4.94
CA VAL B 194 9.64 -17.00 3.72
C VAL B 194 10.62 -17.19 2.57
N ILE B 195 10.15 -17.77 1.47
CA ILE B 195 10.93 -17.88 0.25
C ILE B 195 10.42 -16.84 -0.73
N VAL B 196 11.31 -15.96 -1.19
CA VAL B 196 10.88 -14.80 -1.97
C VAL B 196 11.67 -14.72 -3.28
N PRO B 197 11.01 -14.51 -4.42
CA PRO B 197 11.73 -14.33 -5.69
C PRO B 197 12.21 -12.91 -5.88
N TYR B 198 12.75 -12.62 -7.06
CA TYR B 198 13.23 -11.27 -7.38
C TYR B 198 12.05 -10.41 -7.83
N ILE B 199 11.84 -9.29 -7.14
CA ILE B 199 10.80 -8.32 -7.49
C ILE B 199 11.49 -7.03 -7.89
N ASN B 200 11.26 -6.60 -9.13
CA ASN B 200 11.79 -5.34 -9.62
C ASN B 200 11.11 -5.02 -10.94
N ALA B 201 11.23 -3.76 -11.35
CA ALA B 201 10.76 -3.31 -12.65
C ALA B 201 11.80 -3.45 -13.75
N VAL B 202 13.03 -3.81 -13.40
CA VAL B 202 14.10 -4.06 -14.35
C VAL B 202 14.72 -5.41 -14.05
N PRO B 203 15.19 -6.16 -15.06
CA PRO B 203 15.73 -7.51 -14.78
C PRO B 203 16.95 -7.52 -13.86
N PHE B 204 17.81 -6.51 -13.95
CA PHE B 204 19.01 -6.41 -13.13
C PHE B 204 19.02 -5.06 -12.45
N ASP B 205 19.80 -4.94 -11.38
CA ASP B 205 19.82 -3.71 -10.60
C ASP B 205 21.14 -3.60 -9.87
N SER B 206 21.41 -2.39 -9.36
CA SER B 206 22.58 -2.15 -8.53
C SER B 206 22.25 -2.47 -7.08
N ALA B 207 23.09 -3.29 -6.44
CA ALA B 207 22.88 -3.68 -5.05
C ALA B 207 23.39 -2.65 -4.06
N ILE B 208 24.16 -1.66 -4.50
CA ILE B 208 24.64 -0.62 -3.60
C ILE B 208 23.67 0.56 -3.56
N ASN B 209 22.87 0.76 -4.60
CA ASN B 209 22.00 1.91 -4.71
C ASN B 209 20.53 1.61 -4.46
N HIS B 210 20.10 0.36 -4.64
CA HIS B 210 18.70 0.01 -4.54
C HIS B 210 18.53 -1.18 -3.60
N SER B 211 17.61 -1.04 -2.64
CA SER B 211 17.21 -2.15 -1.79
C SER B 211 15.87 -2.66 -2.28
N ASN B 212 15.85 -3.90 -2.75
CA ASN B 212 14.66 -4.42 -3.41
C ASN B 212 13.50 -4.63 -2.44
N PHE B 213 13.79 -5.06 -1.22
CA PHE B 213 12.73 -5.27 -0.24
C PHE B 213 13.32 -5.19 1.17
N GLY B 214 12.45 -4.95 2.13
CA GLY B 214 12.81 -4.94 3.53
C GLY B 214 12.11 -6.05 4.31
N LEU B 215 12.71 -6.47 5.41
CA LEU B 215 12.14 -7.47 6.30
C LEU B 215 11.85 -6.82 7.64
N ILE B 216 10.61 -6.92 8.10
CA ILE B 216 10.16 -6.29 9.33
C ILE B 216 9.74 -7.36 10.32
N VAL B 217 10.10 -7.15 11.58
CA VAL B 217 9.71 -8.00 12.70
C VAL B 217 9.12 -7.09 13.78
N ILE B 218 7.86 -7.29 14.11
CA ILE B 218 7.21 -6.41 15.09
C ILE B 218 6.42 -7.22 16.12
N PRO B 219 6.60 -6.96 17.41
CA PRO B 219 5.78 -7.62 18.44
C PRO B 219 4.43 -6.94 18.68
N VAL B 220 3.41 -7.31 17.91
CA VAL B 220 2.10 -6.71 18.13
C VAL B 220 1.52 -7.12 19.49
N SER B 221 1.78 -8.35 19.93
CA SER B 221 1.37 -8.79 21.26
C SER B 221 2.59 -8.81 22.15
N PRO B 222 2.58 -8.10 23.27
CA PRO B 222 3.80 -7.96 24.08
C PRO B 222 4.23 -9.27 24.72
N LEU B 223 5.50 -9.30 25.11
CA LEU B 223 6.08 -10.47 25.76
C LEU B 223 5.80 -10.43 27.26
N LYS B 224 5.26 -11.53 27.79
CA LYS B 224 4.94 -11.62 29.20
C LYS B 224 5.39 -12.97 29.75
N TYR B 225 5.79 -12.96 31.03
CA TYR B 225 6.18 -14.15 31.76
C TYR B 225 6.05 -13.85 33.24
N SER B 226 6.50 -14.78 34.07
CA SER B 226 6.44 -14.65 35.52
C SER B 226 7.84 -14.74 36.10
N SER B 227 7.93 -14.42 37.39
CA SER B 227 9.22 -14.43 38.08
C SER B 227 9.80 -15.84 38.11
N GLY B 228 11.10 -15.93 37.87
CA GLY B 228 11.79 -17.20 37.76
C GLY B 228 11.98 -17.67 36.33
N ALA B 229 11.23 -17.11 35.39
CA ALA B 229 11.43 -17.41 33.99
C ALA B 229 12.58 -16.58 33.42
N THR B 230 13.19 -17.11 32.37
CA THR B 230 14.29 -16.41 31.72
C THR B 230 13.80 -15.08 31.15
N THR B 231 14.57 -14.02 31.41
CA THR B 231 14.25 -12.69 30.93
C THR B 231 14.99 -12.31 29.65
N ALA B 232 15.93 -13.14 29.20
CA ALA B 232 16.73 -12.85 28.01
C ALA B 232 16.18 -13.69 26.86
N ILE B 233 15.33 -13.08 26.05
CA ILE B 233 14.76 -13.71 24.87
C ILE B 233 15.43 -13.08 23.64
N PRO B 234 16.23 -13.83 22.88
CA PRO B 234 16.80 -13.27 21.65
C PRO B 234 16.01 -13.59 20.40
N ILE B 235 16.17 -12.77 19.37
CA ILE B 235 15.55 -12.99 18.07
C ILE B 235 16.65 -12.94 17.00
N THR B 236 16.74 -13.99 16.20
CA THR B 236 17.84 -14.17 15.26
C THR B 236 17.33 -14.31 13.83
N ILE B 237 18.14 -13.85 12.88
CA ILE B 237 17.78 -13.85 11.47
C ILE B 237 18.86 -14.59 10.69
N THR B 238 18.43 -15.50 9.81
CA THR B 238 19.33 -16.25 8.95
C THR B 238 18.78 -16.21 7.53
N ILE B 239 19.64 -15.87 6.56
CA ILE B 239 19.20 -15.67 5.19
C ILE B 239 20.06 -16.45 4.22
N ALA B 240 19.45 -16.84 3.09
CA ALA B 240 20.14 -17.54 2.02
C ALA B 240 19.81 -16.90 0.68
N PRO B 241 20.77 -16.36 -0.04
CA PRO B 241 20.50 -15.76 -1.37
C PRO B 241 20.46 -16.75 -2.52
N LEU B 242 19.31 -17.33 -2.81
CA LEU B 242 19.21 -18.30 -3.90
C LEU B 242 19.34 -17.64 -5.27
N ASN B 243 19.95 -18.38 -6.20
CA ASN B 243 19.96 -18.05 -7.64
C ASN B 243 20.59 -16.68 -7.90
N SER B 244 21.87 -16.56 -7.56
CA SER B 244 22.56 -15.28 -7.59
C SER B 244 23.21 -15.03 -8.94
N GLU B 245 22.98 -13.86 -9.50
CA GLU B 245 23.59 -13.41 -10.74
C GLU B 245 24.21 -12.04 -10.54
N PHE B 246 25.40 -11.86 -11.09
CA PHE B 246 26.10 -10.58 -11.09
C PHE B 246 26.64 -10.33 -12.48
N GLY B 247 26.79 -9.05 -12.82
CA GLY B 247 27.29 -8.66 -14.13
C GLY B 247 27.86 -7.27 -14.09
N GLY B 248 28.50 -6.89 -15.19
CA GLY B 248 29.13 -5.59 -15.26
C GLY B 248 30.34 -5.49 -14.34
N LEU B 249 31.32 -6.35 -14.56
CA LEU B 249 32.49 -6.44 -13.69
C LEU B 249 33.40 -5.23 -13.88
N ARG B 250 33.81 -4.63 -12.78
CA ARG B 250 34.78 -3.55 -12.78
C ARG B 250 35.48 -3.58 -11.43
N GLN B 251 36.10 -2.45 -11.05
CA GLN B 251 36.72 -2.32 -9.75
C GLN B 251 35.67 -2.42 -8.64
N ALA B 252 36.16 -2.55 -7.40
CA ALA B 252 35.31 -2.75 -6.24
C ALA B 252 34.91 -1.40 -5.65
N VAL B 253 33.60 -1.12 -5.68
CA VAL B 253 33.03 0.08 -5.07
C VAL B 253 31.91 -0.35 -4.14
N SER B 254 31.84 0.26 -2.97
CA SER B 254 30.86 -0.12 -1.96
C SER B 254 30.01 1.04 -1.47
N GLN B 255 30.20 2.24 -2.00
CA GLN B 255 29.43 3.40 -1.57
C GLN B 255 28.98 4.22 -2.77
N GLY C 1 -20.96 17.14 -48.45
CA GLY C 1 -20.67 15.77 -48.08
C GLY C 1 -21.88 15.01 -47.57
N ILE C 2 -21.66 14.15 -46.58
CA ILE C 2 -22.73 13.31 -46.04
C ILE C 2 -23.60 14.16 -45.11
N PRO C 3 -24.92 14.21 -45.34
CA PRO C 3 -25.77 15.04 -44.49
C PRO C 3 -25.93 14.43 -43.10
N ALA C 4 -25.91 15.30 -42.09
CA ALA C 4 -25.99 14.85 -40.71
C ALA C 4 -26.46 16.00 -39.85
N GLU C 5 -26.88 15.68 -38.63
CA GLU C 5 -27.23 16.67 -37.63
C GLU C 5 -26.67 16.26 -36.28
N LEU C 6 -26.38 17.26 -35.45
CA LEU C 6 -25.70 17.06 -34.18
C LEU C 6 -26.72 16.99 -33.05
N ARG C 7 -26.60 15.97 -32.21
CA ARG C 7 -27.57 15.58 -31.20
C ARG C 7 -27.21 16.17 -29.84
N PRO C 8 -28.16 16.24 -28.91
CA PRO C 8 -27.82 16.59 -27.53
C PRO C 8 -26.84 15.59 -26.95
N GLY C 9 -25.94 16.11 -26.11
CA GLY C 9 -24.74 15.39 -25.74
C GLY C 9 -23.54 15.77 -26.56
N THR C 10 -23.67 16.73 -27.47
CA THR C 10 -22.56 17.24 -28.25
C THR C 10 -21.69 18.14 -27.38
N ASN C 11 -20.37 18.08 -27.60
CA ASN C 11 -19.41 19.00 -27.00
C ASN C 11 -19.35 18.86 -25.48
N GLN C 12 -19.60 17.67 -24.97
CA GLN C 12 -19.55 17.41 -23.54
C GLN C 12 -18.38 16.48 -23.24
N PHE C 13 -17.72 16.74 -22.12
CA PHE C 13 -16.60 15.92 -21.64
C PHE C 13 -17.09 15.09 -20.46
N LEU C 14 -17.43 13.84 -20.73
CA LEU C 14 -17.85 12.91 -19.68
C LEU C 14 -16.60 12.24 -19.10
N THR C 15 -16.43 12.36 -17.78
CA THR C 15 -15.22 11.87 -17.14
C THR C 15 -15.07 10.36 -17.30
N THR C 16 -16.19 9.64 -17.41
CA THR C 16 -16.17 8.19 -17.58
C THR C 16 -16.53 7.76 -19.00
N ASP C 17 -16.21 8.58 -19.99
CA ASP C 17 -16.48 8.24 -21.38
C ASP C 17 -15.44 7.27 -21.92
N ASP C 18 -15.87 6.45 -22.87
CA ASP C 18 -15.03 5.41 -23.48
C ASP C 18 -14.91 5.69 -24.97
N ASP C 19 -13.92 6.49 -25.35
CA ASP C 19 -13.73 6.87 -26.74
C ASP C 19 -12.25 6.77 -27.08
N THR C 20 -11.88 7.34 -28.21
CA THR C 20 -10.50 7.36 -28.68
C THR C 20 -10.00 8.79 -28.75
N ALA C 21 -8.67 8.94 -28.64
CA ALA C 21 -8.03 10.23 -28.76
C ALA C 21 -6.86 10.10 -29.72
N ALA C 22 -6.38 11.24 -30.21
CA ALA C 22 -5.34 11.24 -31.21
C ALA C 22 -3.99 10.96 -30.58
N PRO C 23 -3.22 10.00 -31.09
CA PRO C 23 -1.87 9.77 -30.57
C PRO C 23 -0.93 10.92 -30.86
N ILE C 24 0.00 11.15 -29.93
CA ILE C 24 0.92 12.27 -30.06
C ILE C 24 2.23 11.83 -30.72
N LEU C 25 2.59 10.57 -30.54
CA LEU C 25 3.85 10.03 -31.08
C LEU C 25 3.57 8.85 -32.00
N PRO C 26 3.56 9.05 -33.32
CA PRO C 26 3.36 7.92 -34.24
C PRO C 26 4.58 7.02 -34.32
N GLY C 27 4.33 5.75 -34.66
CA GLY C 27 5.38 4.78 -34.82
C GLY C 27 6.08 4.37 -33.54
N PHE C 28 5.50 4.67 -32.39
CA PHE C 28 6.18 4.52 -31.11
C PHE C 28 6.13 3.06 -30.64
N THR C 29 7.27 2.56 -30.17
CA THR C 29 7.39 1.22 -29.61
C THR C 29 7.79 1.31 -28.15
N PRO C 30 6.96 0.84 -27.22
CA PRO C 30 7.30 0.98 -25.80
C PRO C 30 8.40 0.04 -25.37
N THR C 31 8.80 0.19 -24.12
CA THR C 31 9.74 -0.74 -23.51
C THR C 31 9.08 -2.11 -23.36
N PRO C 32 9.78 -3.19 -23.70
CA PRO C 32 9.20 -4.53 -23.58
C PRO C 32 8.85 -4.87 -22.14
N THR C 33 7.81 -5.69 -21.98
CA THR C 33 7.31 -6.07 -20.68
C THR C 33 8.07 -7.27 -20.14
N ILE C 34 8.42 -7.21 -18.85
CA ILE C 34 9.08 -8.31 -18.17
C ILE C 34 8.05 -9.01 -17.29
N HIS C 35 8.48 -10.12 -16.70
CA HIS C 35 7.65 -10.85 -15.75
C HIS C 35 7.89 -10.29 -14.35
N ILE C 36 6.83 -9.80 -13.72
CA ILE C 36 6.87 -9.34 -12.34
C ILE C 36 5.90 -10.20 -11.55
N PRO C 37 6.29 -10.73 -10.39
CA PRO C 37 5.34 -11.49 -9.58
C PRO C 37 4.29 -10.58 -8.94
N GLY C 38 3.29 -11.22 -8.35
CA GLY C 38 2.24 -10.51 -7.64
C GLY C 38 1.32 -9.67 -8.50
N GLU C 39 0.92 -10.17 -9.66
CA GLU C 39 0.02 -9.43 -10.54
C GLU C 39 -1.41 -9.48 -9.98
N VAL C 40 -2.12 -8.37 -10.13
CA VAL C 40 -3.46 -8.22 -9.60
C VAL C 40 -4.42 -7.95 -10.76
N HIS C 41 -5.51 -8.74 -10.82
CA HIS C 41 -6.50 -8.58 -11.87
C HIS C 41 -7.80 -7.96 -11.40
N SER C 42 -8.10 -7.99 -10.12
CA SER C 42 -9.30 -7.34 -9.59
C SER C 42 -9.07 -7.01 -8.13
N LEU C 43 -9.87 -6.07 -7.62
CA LEU C 43 -9.84 -5.77 -6.20
C LEU C 43 -10.41 -6.90 -5.37
N LEU C 44 -11.27 -7.75 -5.94
CA LEU C 44 -11.86 -8.85 -5.21
C LEU C 44 -10.83 -9.89 -4.78
N GLU C 45 -9.69 -9.96 -5.45
CA GLU C 45 -8.59 -10.78 -4.96
C GLU C 45 -8.01 -10.23 -3.67
N LEU C 46 -8.15 -8.94 -3.42
CA LEU C 46 -7.61 -8.30 -2.23
C LEU C 46 -8.62 -8.24 -1.08
N CYS C 47 -9.91 -8.27 -1.39
CA CYS C 47 -10.94 -8.32 -0.36
C CYS C 47 -10.90 -9.63 0.41
N ARG C 48 -10.37 -10.69 -0.19
CA ARG C 48 -10.37 -12.01 0.40
C ARG C 48 -9.21 -12.26 1.35
N VAL C 49 -8.27 -11.33 1.46
CA VAL C 49 -7.11 -11.50 2.33
C VAL C 49 -7.48 -11.01 3.73
N GLU C 50 -7.15 -11.82 4.73
CA GLU C 50 -7.48 -11.49 6.11
C GLU C 50 -6.63 -10.33 6.60
N THR C 51 -7.26 -9.42 7.35
CA THR C 51 -6.58 -8.22 7.82
C THR C 51 -7.14 -7.81 9.17
N ILE C 52 -6.28 -7.27 10.03
CA ILE C 52 -6.60 -7.08 11.43
C ILE C 52 -7.69 -6.03 11.62
N LEU C 53 -8.61 -6.29 12.55
CA LEU C 53 -9.62 -5.34 12.96
C LEU C 53 -9.20 -4.57 14.20
N GLU C 54 -9.49 -3.27 14.20
CA GLU C 54 -9.22 -2.39 15.34
C GLU C 54 -10.41 -2.42 16.30
N VAL C 55 -10.59 -3.58 16.94
CA VAL C 55 -11.75 -3.76 17.81
C VAL C 55 -11.60 -2.92 19.07
N ASN C 56 -10.40 -2.81 19.61
CA ASN C 56 -10.17 -1.99 20.79
C ASN C 56 -10.04 -0.52 20.41
N ASN C 57 -11.01 0.01 19.66
CA ASN C 57 -10.95 1.38 19.15
C ASN C 57 -11.59 2.33 20.16
N THR C 58 -10.94 2.44 21.30
CA THR C 58 -11.39 3.31 22.38
C THR C 58 -10.37 4.41 22.60
N THR C 59 -10.64 5.26 23.58
CA THR C 59 -9.71 6.34 23.91
C THR C 59 -8.51 5.82 24.69
N GLU C 60 -8.74 4.83 25.57
CA GLU C 60 -7.66 4.35 26.42
C GLU C 60 -6.55 3.68 25.61
N ALA C 61 -6.92 2.91 24.60
CA ALA C 61 -5.94 2.21 23.78
C ALA C 61 -5.40 3.12 22.69
N THR C 62 -4.07 3.20 22.60
CA THR C 62 -3.42 3.90 21.49
C THR C 62 -2.21 3.11 21.04
N GLY C 63 -1.97 3.10 19.74
CA GLY C 63 -0.87 2.34 19.18
C GLY C 63 -1.26 0.95 18.74
N LEU C 64 -0.43 -0.05 19.04
CA LEU C 64 -0.74 -1.42 18.70
C LEU C 64 -1.79 -2.04 19.61
N THR C 65 -1.97 -1.51 20.82
CA THR C 65 -2.93 -2.09 21.74
C THR C 65 -4.35 -1.99 21.24
N ARG C 66 -4.61 -1.16 20.23
CA ARG C 66 -5.93 -1.08 19.64
C ARG C 66 -6.31 -2.34 18.88
N LEU C 67 -5.37 -3.25 18.64
CA LEU C 67 -5.63 -4.48 17.91
C LEU C 67 -5.69 -5.71 18.82
N LEU C 68 -5.70 -5.52 20.14
CA LEU C 68 -5.63 -6.64 21.08
C LEU C 68 -6.87 -6.62 21.96
N ILE C 69 -7.57 -7.76 22.02
CA ILE C 69 -8.72 -7.93 22.90
C ILE C 69 -8.24 -8.68 24.14
N PRO C 70 -8.27 -8.08 25.32
CA PRO C 70 -7.76 -8.77 26.51
C PRO C 70 -8.71 -9.87 26.96
N VAL C 71 -8.11 -10.92 27.52
CA VAL C 71 -8.85 -12.07 28.03
C VAL C 71 -8.19 -12.53 29.31
N SER C 72 -8.93 -12.48 30.41
CA SER C 72 -8.40 -12.87 31.71
C SER C 72 -9.35 -13.84 32.37
N SER C 73 -9.08 -14.21 33.63
CA SER C 73 -9.98 -15.08 34.36
C SER C 73 -11.09 -14.28 35.02
N GLN C 74 -12.32 -14.76 34.88
CA GLN C 74 -13.48 -14.13 35.48
C GLN C 74 -13.91 -14.91 36.71
N ASN C 75 -14.85 -14.32 37.44
CA ASN C 75 -15.49 -15.01 38.55
C ASN C 75 -16.98 -14.71 38.66
N LYS C 76 -17.60 -14.18 37.61
CA LYS C 76 -19.03 -13.93 37.59
C LYS C 76 -19.78 -14.77 36.55
N ALA C 77 -19.06 -15.47 35.67
CA ALA C 77 -19.62 -16.49 34.78
C ALA C 77 -20.49 -15.92 33.66
N ASP C 78 -20.39 -16.52 32.47
CA ASP C 78 -21.20 -16.14 31.31
C ASP C 78 -21.01 -14.67 30.95
N GLU C 79 -19.81 -14.16 31.18
CA GLU C 79 -19.54 -12.75 30.97
C GLU C 79 -19.35 -12.46 29.48
N LEU C 80 -19.55 -11.20 29.13
CA LEU C 80 -19.34 -10.72 27.77
C LEU C 80 -17.93 -10.16 27.63
N CYS C 81 -17.27 -10.51 26.54
CA CYS C 81 -15.96 -9.95 26.24
C CYS C 81 -16.03 -8.80 25.26
N ALA C 82 -16.63 -9.00 24.08
CA ALA C 82 -16.57 -7.96 23.07
C ALA C 82 -17.82 -7.96 22.20
N ALA C 83 -17.99 -6.88 21.43
CA ALA C 83 -19.10 -6.75 20.51
C ALA C 83 -18.77 -5.70 19.46
N PHE C 84 -19.17 -5.96 18.22
CA PHE C 84 -19.00 -4.95 17.17
C PHE C 84 -19.96 -5.20 16.02
N MET C 85 -20.21 -4.14 15.27
CA MET C 85 -21.10 -4.17 14.12
C MET C 85 -20.42 -4.85 12.94
N VAL C 86 -21.22 -5.43 12.05
CA VAL C 86 -20.70 -6.23 10.95
C VAL C 86 -20.78 -5.50 9.62
N ASP C 87 -21.13 -4.22 9.62
CA ASP C 87 -21.14 -3.44 8.39
C ASP C 87 -19.72 -3.02 8.04
N PRO C 88 -19.19 -3.42 6.87
CA PRO C 88 -17.77 -3.14 6.59
C PRO C 88 -17.48 -1.68 6.26
N GLY C 89 -18.43 -0.96 5.66
CA GLY C 89 -18.21 0.43 5.34
C GLY C 89 -18.53 1.40 6.45
N ARG C 90 -19.03 0.92 7.57
CA ARG C 90 -19.38 1.74 8.72
C ARG C 90 -18.12 2.12 9.50
N ILE C 91 -18.20 3.23 10.23
CA ILE C 91 -17.10 3.62 11.11
C ILE C 91 -17.01 2.65 12.28
N GLY C 92 -15.77 2.33 12.67
CA GLY C 92 -15.53 1.35 13.69
C GLY C 92 -14.35 0.47 13.35
N PRO C 93 -14.33 -0.74 13.91
CA PRO C 93 -13.18 -1.63 13.68
C PRO C 93 -12.88 -1.90 12.21
N TRP C 94 -13.92 -2.11 11.41
CA TRP C 94 -13.70 -2.47 10.01
C TRP C 94 -12.98 -1.37 9.25
N GLN C 95 -12.95 -0.15 9.80
CA GLN C 95 -12.24 0.93 9.13
C GLN C 95 -10.75 0.64 9.00
N SER C 96 -10.22 -0.27 9.82
CA SER C 96 -8.79 -0.56 9.82
C SER C 96 -8.41 -1.73 8.93
N THR C 97 -9.36 -2.32 8.22
CA THR C 97 -9.10 -3.50 7.40
C THR C 97 -9.11 -3.12 5.92
N LEU C 98 -8.60 -4.04 5.09
CA LEU C 98 -8.49 -3.77 3.67
C LEU C 98 -9.84 -3.88 2.97
N VAL C 99 -10.64 -4.89 3.33
CA VAL C 99 -11.94 -5.07 2.70
C VAL C 99 -12.84 -3.89 3.03
N GLY C 100 -12.73 -3.35 4.25
CA GLY C 100 -13.47 -2.14 4.57
C GLY C 100 -13.06 -0.95 3.73
N GLN C 101 -11.76 -0.76 3.53
CA GLN C 101 -11.28 0.35 2.72
C GLN C 101 -11.76 0.24 1.29
N ILE C 102 -11.75 -0.97 0.73
CA ILE C 102 -12.22 -1.14 -0.65
C ILE C 102 -13.73 -0.96 -0.73
N CYS C 103 -14.48 -1.48 0.26
CA CYS C 103 -15.92 -1.29 0.29
C CYS C 103 -16.29 0.18 0.42
N ARG C 104 -15.41 0.99 1.00
CA ARG C 104 -15.65 2.43 1.04
C ARG C 104 -15.55 3.10 -0.33
N TYR C 105 -15.04 2.40 -1.34
CA TYR C 105 -14.96 2.93 -2.70
C TYR C 105 -16.19 2.62 -3.53
N TYR C 106 -17.16 1.89 -2.99
CA TYR C 106 -18.34 1.48 -3.72
C TYR C 106 -19.58 1.84 -2.92
N THR C 107 -20.74 1.75 -3.57
CA THR C 107 -21.99 2.16 -2.96
C THR C 107 -22.76 1.00 -2.37
N GLN C 108 -22.70 -0.17 -2.99
CA GLN C 108 -23.46 -1.32 -2.53
C GLN C 108 -22.57 -2.55 -2.44
N TRP C 109 -22.87 -3.43 -1.50
CA TRP C 109 -22.08 -4.63 -1.27
C TRP C 109 -23.01 -5.82 -1.04
N SER C 110 -22.48 -7.01 -1.29
CA SER C 110 -23.26 -8.22 -1.09
C SER C 110 -22.31 -9.39 -0.83
N GLY C 111 -22.82 -10.41 -0.16
CA GLY C 111 -22.07 -11.61 0.10
C GLY C 111 -21.83 -11.82 1.59
N SER C 112 -21.15 -12.92 1.89
CA SER C 112 -20.83 -13.33 3.25
C SER C 112 -19.46 -12.78 3.67
N LEU C 113 -19.21 -12.81 4.97
CA LEU C 113 -17.98 -12.30 5.55
C LEU C 113 -17.37 -13.37 6.45
N LYS C 114 -16.11 -13.14 6.84
CA LYS C 114 -15.38 -14.08 7.68
C LYS C 114 -14.58 -13.30 8.72
N VAL C 115 -14.60 -13.77 9.96
CA VAL C 115 -13.76 -13.21 11.02
C VAL C 115 -13.03 -14.36 11.69
N THR C 116 -11.69 -14.25 11.75
CA THR C 116 -10.85 -15.24 12.39
C THR C 116 -10.33 -14.66 13.70
N PHE C 117 -10.37 -15.47 14.75
CA PHE C 117 -9.89 -15.09 16.06
C PHE C 117 -8.67 -15.95 16.42
N MET C 118 -7.58 -15.29 16.79
CA MET C 118 -6.31 -15.95 17.09
C MET C 118 -5.94 -15.67 18.53
N PHE C 119 -5.78 -16.73 19.31
CA PHE C 119 -5.52 -16.62 20.74
C PHE C 119 -4.01 -16.56 20.98
N THR C 120 -3.59 -15.60 21.78
CA THR C 120 -2.19 -15.44 22.17
C THR C 120 -2.14 -15.51 23.69
N GLY C 121 -1.60 -16.61 24.20
CA GLY C 121 -1.33 -16.80 25.60
C GLY C 121 -0.30 -17.90 25.70
N SER C 122 -0.01 -18.29 26.93
CA SER C 122 0.95 -19.36 27.14
C SER C 122 0.35 -20.69 26.69
N PHE C 123 1.24 -21.67 26.51
CA PHE C 123 0.81 -23.02 26.16
C PHE C 123 -0.10 -23.62 27.23
N MET C 124 0.08 -23.21 28.48
CA MET C 124 -0.64 -23.83 29.59
C MET C 124 -2.04 -23.28 29.79
N ALA C 125 -2.31 -22.05 29.39
CA ALA C 125 -3.64 -21.49 29.54
C ALA C 125 -4.61 -22.12 28.55
N THR C 126 -5.89 -22.13 28.93
CA THR C 126 -6.93 -22.72 28.10
C THR C 126 -8.26 -22.08 28.45
N GLY C 127 -9.26 -22.33 27.60
CA GLY C 127 -10.58 -21.79 27.82
C GLY C 127 -11.48 -22.09 26.64
N LYS C 128 -12.71 -21.57 26.75
CA LYS C 128 -13.71 -21.69 25.69
C LYS C 128 -14.43 -20.36 25.54
N MET C 129 -14.87 -20.09 24.32
CA MET C 129 -15.53 -18.83 23.98
C MET C 129 -16.73 -19.14 23.09
N LEU C 130 -17.71 -18.25 23.12
CA LEU C 130 -18.86 -18.33 22.23
C LEU C 130 -18.86 -17.07 21.36
N VAL C 131 -18.75 -17.27 20.05
CA VAL C 131 -18.69 -16.19 19.08
C VAL C 131 -19.99 -16.20 18.29
N ALA C 132 -20.80 -15.15 18.42
CA ALA C 132 -22.18 -15.17 17.99
C ALA C 132 -22.49 -14.02 17.05
N TYR C 133 -23.02 -14.34 15.88
CA TYR C 133 -23.58 -13.36 14.95
C TYR C 133 -25.10 -13.36 15.09
N SER C 134 -25.67 -12.17 15.24
CA SER C 134 -27.11 -12.00 15.40
C SER C 134 -27.64 -11.07 14.30
N PRO C 135 -28.60 -11.54 13.50
CA PRO C 135 -29.17 -10.70 12.45
C PRO C 135 -29.99 -9.56 13.04
N PRO C 136 -30.29 -8.53 12.25
CA PRO C 136 -30.91 -7.33 12.82
C PRO C 136 -32.31 -7.59 13.35
N GLY C 137 -32.77 -6.67 14.17
CA GLY C 137 -34.11 -6.75 14.72
C GLY C 137 -34.25 -6.20 16.12
N SER C 138 -33.14 -6.06 16.82
CA SER C 138 -33.20 -5.60 18.20
C SER C 138 -31.83 -5.06 18.59
N ALA C 139 -31.75 -4.52 19.80
CA ALA C 139 -30.48 -4.07 20.33
C ALA C 139 -29.53 -5.26 20.50
N GLN C 140 -28.30 -4.96 20.88
CA GLN C 140 -27.33 -6.01 21.09
C GLN C 140 -27.79 -6.91 22.23
N PRO C 141 -27.62 -8.23 22.12
CA PRO C 141 -28.06 -9.14 23.17
C PRO C 141 -27.42 -8.81 24.51
N ALA C 142 -28.19 -8.96 25.58
CA ALA C 142 -27.74 -8.60 26.91
C ALA C 142 -27.20 -9.77 27.71
N ASN C 143 -27.37 -11.01 27.26
CA ASN C 143 -26.84 -12.17 27.94
C ASN C 143 -26.51 -13.25 26.93
N ARG C 144 -25.70 -14.23 27.36
CA ARG C 144 -25.31 -15.31 26.47
C ARG C 144 -26.50 -16.19 26.10
N GLU C 145 -27.50 -16.26 26.98
CA GLU C 145 -28.68 -17.06 26.70
C GLU C 145 -29.45 -16.49 25.51
N THR C 146 -29.49 -15.16 25.39
CA THR C 146 -30.09 -14.55 24.22
C THR C 146 -29.18 -14.64 23.00
N ALA C 147 -27.87 -14.47 23.22
CA ALA C 147 -26.93 -14.42 22.11
C ALA C 147 -26.79 -15.77 21.41
N MET C 148 -26.99 -16.86 22.14
CA MET C 148 -26.81 -18.18 21.56
C MET C 148 -27.97 -18.61 20.69
N LEU C 149 -29.05 -17.82 20.60
CA LEU C 149 -30.17 -18.14 19.73
C LEU C 149 -29.90 -17.80 18.28
N GLY C 150 -28.83 -17.06 17.98
CA GLY C 150 -28.45 -16.74 16.62
C GLY C 150 -27.43 -17.71 16.08
N THR C 151 -26.69 -17.26 15.07
CA THR C 151 -25.62 -18.08 14.53
C THR C 151 -24.41 -17.96 15.45
N HIS C 152 -23.72 -19.07 15.68
CA HIS C 152 -22.62 -18.99 16.64
C HIS C 152 -21.66 -20.15 16.43
N VAL C 153 -20.49 -20.00 17.06
CA VAL C 153 -19.47 -21.03 17.11
C VAL C 153 -18.93 -21.10 18.54
N ILE C 154 -18.73 -22.32 19.02
CA ILE C 154 -18.08 -22.57 20.31
C ILE C 154 -16.64 -22.95 20.04
N TRP C 155 -15.71 -22.23 20.64
CA TRP C 155 -14.30 -22.33 20.30
C TRP C 155 -13.50 -22.63 21.55
N ASP C 156 -12.74 -23.72 21.54
CA ASP C 156 -11.84 -24.05 22.63
C ASP C 156 -10.37 -23.89 22.19
N PHE C 157 -9.53 -23.52 23.14
CA PHE C 157 -8.11 -23.30 22.85
C PHE C 157 -7.36 -24.63 22.81
N GLY C 158 -6.37 -24.71 21.93
CA GLY C 158 -5.58 -25.90 21.78
C GLY C 158 -4.37 -25.73 20.89
N LEU C 159 -3.93 -26.82 20.25
CA LEU C 159 -2.80 -26.73 19.33
C LEU C 159 -3.08 -25.76 18.19
N GLN C 160 -4.25 -25.87 17.59
CA GLN C 160 -4.71 -24.85 16.66
C GLN C 160 -5.03 -23.58 17.43
N SER C 161 -4.49 -22.45 16.97
CA SER C 161 -4.63 -21.22 17.73
C SER C 161 -5.87 -20.42 17.35
N SER C 162 -6.33 -20.54 16.11
CA SER C 162 -7.39 -19.69 15.59
C SER C 162 -8.68 -20.46 15.39
N VAL C 163 -9.77 -19.71 15.34
CA VAL C 163 -11.09 -20.19 14.95
C VAL C 163 -11.65 -19.23 13.92
N SER C 164 -12.61 -19.71 13.14
CA SER C 164 -13.26 -18.90 12.12
C SER C 164 -14.76 -18.84 12.35
N LEU C 165 -15.31 -17.64 12.22
CA LEU C 165 -16.75 -17.42 12.24
C LEU C 165 -17.15 -16.85 10.89
N VAL C 166 -18.13 -17.48 10.24
CA VAL C 166 -18.64 -17.02 8.96
C VAL C 166 -19.94 -16.29 9.21
N ILE C 167 -20.01 -15.03 8.79
CA ILE C 167 -21.25 -14.27 8.80
C ILE C 167 -21.95 -14.52 7.47
N PRO C 168 -23.14 -15.13 7.46
CA PRO C 168 -23.64 -15.84 6.28
C PRO C 168 -24.52 -15.03 5.33
N TRP C 169 -24.60 -13.71 5.42
CA TRP C 169 -25.40 -12.91 4.50
C TRP C 169 -26.87 -13.32 4.52
N ILE C 170 -27.54 -12.96 5.61
CA ILE C 170 -28.99 -13.07 5.72
C ILE C 170 -29.56 -11.67 5.49
N SER C 171 -30.09 -11.42 4.29
CA SER C 171 -30.67 -10.14 3.92
C SER C 171 -31.96 -10.36 3.16
N ASN C 172 -32.69 -9.28 2.91
CA ASN C 172 -33.88 -9.33 2.06
C ASN C 172 -33.63 -8.81 0.65
N THR C 173 -32.82 -7.77 0.50
CA THR C 173 -32.40 -7.30 -0.81
C THR C 173 -31.11 -8.00 -1.24
N HIS C 174 -30.90 -8.05 -2.54
CA HIS C 174 -29.66 -8.65 -3.06
C HIS C 174 -28.44 -7.82 -2.72
N PHE C 175 -28.61 -6.54 -2.38
CA PHE C 175 -27.49 -5.69 -2.05
C PHE C 175 -27.81 -4.88 -0.81
N ARG C 176 -26.76 -4.39 -0.17
CA ARG C 176 -26.85 -3.51 0.98
C ARG C 176 -26.04 -2.27 0.69
N THR C 177 -26.46 -1.13 1.24
CA THR C 177 -25.78 0.14 1.03
C THR C 177 -24.99 0.52 2.27
N ALA C 178 -23.75 0.96 2.07
CA ALA C 178 -22.84 1.31 3.16
C ALA C 178 -23.16 2.72 3.65
N LYS C 179 -24.24 2.84 4.44
CA LYS C 179 -24.67 4.11 5.01
C LYS C 179 -24.75 5.19 3.93
N THR C 180 -25.68 4.97 3.01
CA THR C 180 -25.89 5.90 1.92
C THR C 180 -27.18 6.71 2.13
N ASP C 185 -30.82 1.85 8.98
CA ASP C 185 -32.27 1.67 8.91
C ASP C 185 -32.63 0.41 8.12
N TYR C 186 -32.74 0.53 6.80
CA TYR C 186 -33.05 -0.59 5.92
C TYR C 186 -31.83 -1.45 5.64
N TYR C 187 -30.71 -1.18 6.31
CA TYR C 187 -29.47 -1.90 6.11
C TYR C 187 -28.89 -2.11 7.50
N THR C 188 -27.58 -2.39 7.58
CA THR C 188 -26.91 -2.98 8.74
C THR C 188 -27.35 -4.43 8.86
N ALA C 189 -26.41 -5.31 9.17
CA ALA C 189 -26.62 -6.74 9.02
C ALA C 189 -26.64 -7.50 10.33
N GLY C 190 -26.50 -6.83 11.46
CA GLY C 190 -26.49 -7.50 12.74
C GLY C 190 -25.19 -7.26 13.46
N VAL C 191 -25.04 -7.91 14.61
CA VAL C 191 -23.94 -7.64 15.53
C VAL C 191 -23.22 -8.93 15.85
N VAL C 192 -21.89 -8.85 16.01
CA VAL C 192 -21.07 -9.96 16.46
C VAL C 192 -20.73 -9.73 17.93
N THR C 193 -20.89 -10.77 18.74
CA THR C 193 -20.58 -10.73 20.16
C THR C 193 -19.64 -11.88 20.51
N LEU C 194 -18.86 -11.69 21.57
CA LEU C 194 -17.88 -12.66 22.02
C LEU C 194 -17.99 -12.79 23.53
N TRP C 195 -18.37 -13.99 23.99
CA TRP C 195 -18.66 -14.27 25.39
C TRP C 195 -17.76 -15.37 25.93
N TYR C 196 -17.52 -15.32 27.25
CA TYR C 196 -16.84 -16.41 27.93
C TYR C 196 -17.76 -17.61 28.01
N GLN C 197 -17.39 -18.69 27.33
CA GLN C 197 -18.21 -19.90 27.41
C GLN C 197 -17.98 -20.62 28.73
N THR C 198 -16.72 -20.89 29.09
CA THR C 198 -16.43 -21.38 30.44
C THR C 198 -15.59 -20.40 31.24
N ASN C 199 -14.34 -20.18 30.88
CA ASN C 199 -13.42 -19.38 31.68
C ASN C 199 -12.03 -19.33 31.07
N TYR C 200 -11.13 -18.57 31.70
CA TYR C 200 -9.71 -18.59 31.40
C TYR C 200 -9.01 -19.21 32.60
N VAL C 201 -8.42 -20.38 32.41
CA VAL C 201 -7.85 -21.18 33.50
C VAL C 201 -6.36 -21.37 33.26
N VAL C 202 -5.57 -21.09 34.29
CA VAL C 202 -4.11 -21.11 34.17
C VAL C 202 -3.50 -21.70 35.43
N PRO C 203 -2.36 -22.36 35.31
CA PRO C 203 -1.65 -22.86 36.49
C PRO C 203 -0.86 -21.76 37.17
N PRO C 204 -0.31 -22.01 38.36
CA PRO C 204 0.51 -20.99 39.03
C PRO C 204 1.80 -20.70 38.28
N GLU C 205 2.39 -19.54 38.59
CA GLU C 205 3.56 -19.01 37.90
C GLU C 205 3.27 -18.87 36.39
N THR C 206 2.18 -18.15 36.09
CA THR C 206 1.81 -17.88 34.71
C THR C 206 0.97 -16.62 34.70
N PRO C 207 1.15 -15.72 33.74
CA PRO C 207 0.35 -14.49 33.72
C PRO C 207 -1.13 -14.78 33.57
N GLY C 208 -1.94 -13.98 34.26
CA GLY C 208 -3.38 -14.13 34.25
C GLY C 208 -4.11 -13.36 33.19
N GLU C 209 -3.39 -12.70 32.29
CA GLU C 209 -3.98 -11.92 31.19
C GLU C 209 -3.36 -12.39 29.88
N ALA C 210 -4.18 -12.47 28.84
CA ALA C 210 -3.71 -12.83 27.51
C ALA C 210 -4.48 -11.99 26.49
N TYR C 211 -4.21 -12.20 25.21
CA TYR C 211 -4.79 -11.35 24.18
C TYR C 211 -5.37 -12.19 23.05
N ILE C 212 -6.26 -11.57 22.29
CA ILE C 212 -6.86 -12.18 21.12
C ILE C 212 -6.80 -11.18 19.98
N ILE C 213 -6.40 -11.63 18.79
CA ILE C 213 -6.32 -10.81 17.59
C ILE C 213 -7.42 -11.25 16.64
N ALA C 214 -8.23 -10.30 16.19
CA ALA C 214 -9.29 -10.57 15.21
C ALA C 214 -8.83 -10.13 13.83
N MET C 215 -9.27 -10.86 12.81
CA MET C 215 -8.87 -10.60 11.42
C MET C 215 -10.08 -10.82 10.52
N GLY C 216 -10.46 -9.80 9.75
CA GLY C 216 -11.67 -9.82 8.96
C GLY C 216 -11.39 -9.92 7.47
N ALA C 217 -12.32 -10.54 6.75
CA ALA C 217 -12.17 -10.73 5.30
C ALA C 217 -13.54 -10.99 4.68
N ALA C 218 -13.55 -11.00 3.36
CA ALA C 218 -14.74 -11.29 2.56
C ALA C 218 -14.80 -12.79 2.27
N GLN C 219 -15.67 -13.19 1.33
CA GLN C 219 -15.89 -14.60 1.01
C GLN C 219 -15.98 -14.75 -0.49
N ASP C 220 -16.34 -15.96 -0.94
CA ASP C 220 -16.37 -16.25 -2.36
C ASP C 220 -17.50 -15.51 -3.08
N ASN C 221 -18.64 -15.33 -2.41
CA ASN C 221 -19.81 -14.73 -3.02
C ASN C 221 -19.86 -13.21 -2.85
N PHE C 222 -18.83 -12.62 -2.29
CA PHE C 222 -18.79 -11.17 -2.09
C PHE C 222 -18.71 -10.44 -3.42
N THR C 223 -19.37 -9.29 -3.50
CA THR C 223 -19.32 -8.45 -4.68
C THR C 223 -19.71 -7.04 -4.31
N LEU C 224 -19.30 -6.09 -5.16
CA LEU C 224 -19.50 -4.67 -4.92
C LEU C 224 -20.15 -4.03 -6.15
N LYS C 225 -20.77 -2.87 -5.94
CA LYS C 225 -21.59 -2.26 -6.97
C LYS C 225 -21.55 -0.74 -6.84
N ILE C 226 -21.37 -0.08 -7.99
CA ILE C 226 -21.34 1.38 -8.17
C ILE C 226 -20.13 2.02 -7.53
N CYS C 227 -19.11 2.33 -8.34
CA CYS C 227 -17.92 2.98 -7.83
C CYS C 227 -18.23 4.43 -7.43
N LYS C 228 -17.49 4.91 -6.44
CA LYS C 228 -17.67 6.27 -5.94
C LYS C 228 -16.37 6.74 -5.30
N ASP C 229 -16.26 8.05 -5.13
CA ASP C 229 -15.11 8.60 -4.42
C ASP C 229 -15.22 8.32 -2.94
N THR C 230 -14.12 7.87 -2.35
CA THR C 230 -14.10 7.52 -0.93
C THR C 230 -14.16 8.78 -0.07
N ASP C 231 -14.34 8.56 1.23
CA ASP C 231 -14.48 9.63 2.20
C ASP C 231 -13.39 9.57 3.26
N GLU C 232 -12.19 9.14 2.87
CA GLU C 232 -11.06 9.02 3.79
C GLU C 232 -9.84 9.81 3.30
N VAL C 233 -10.04 10.76 2.39
CA VAL C 233 -9.01 11.69 1.98
C VAL C 233 -9.55 13.10 2.17
N THR C 234 -8.62 14.05 2.30
CA THR C 234 -8.97 15.43 2.55
C THR C 234 -8.04 16.35 1.75
N GLN C 235 -8.62 17.41 1.21
CA GLN C 235 -7.93 18.36 0.34
C GLN C 235 -8.03 19.74 0.96
N GLN C 236 -6.89 20.43 1.06
CA GLN C 236 -6.91 21.80 1.57
C GLN C 236 -6.15 22.75 0.64
N ALA C 237 -5.11 22.24 -0.01
CA ALA C 237 -4.28 23.02 -0.91
C ALA C 237 -3.75 22.09 -1.98
N VAL C 238 -2.84 22.60 -2.82
CA VAL C 238 -2.20 21.79 -3.85
C VAL C 238 -0.71 21.74 -3.55
N LEU C 239 -0.29 20.83 -2.67
CA LEU C 239 1.07 20.32 -2.77
C LEU C 239 1.09 18.85 -2.41
N GLN C 240 0.13 18.41 -1.61
CA GLN C 240 0.13 17.06 -1.05
C GLN C 240 -0.25 16.02 -2.09
#